data_8PZ5
#
_entry.id   8PZ5
#
_cell.length_a   111.390
_cell.length_b   111.390
_cell.length_c   217.520
_cell.angle_alpha   90.000
_cell.angle_beta   90.000
_cell.angle_gamma   90.000
#
_symmetry.space_group_name_H-M   'P 41 21 2'
#
loop_
_entity.id
_entity.type
_entity.pdbx_description
1 polymer 'SagB-type dehydrogenase domain protein'
2 non-polymer 'FLAVIN MONONUCLEOTIDE'
#
_entity_poly.entity_id   1
_entity_poly.type   'polypeptide(L)'
_entity_poly.pdbx_seq_one_letter_code
;LDLFTLSFSPDLSIASEAEQLTLQSKDDRLILEHPQPGLRTALEQLKQGNLTLAQLTELVSEQDGVEAGITFASELEKLV
DLGWICHSVLPLITAIPIAKDYELNVPDSSWQTTAIALSRFAFLHQDLQQLVLESPRSKSKLVILDWRVGAVIAKLAQSD
RGFIFATSADSLLADLSLELEELKRLFALLIATQMMDLEPEDETITQWKFHNLLFHHYTRLGRLDNSRKLNLPVFEHRDR
YPYVKPVISTQAIPLVKPDLTALATTDMTLTEAIETRRSIREYSDQPITLAQLGEFLYRCARVKAVYTLPEDPMQVGEST
TRPYPSGGALYELEIYPLVHQCGDLAAGLYHYQPLSHTLHPVADWTPEVESLVYDAWRATGQQSIPQIVLIITARFGRLF
WKYHDIAYSLILKHVGVLYQTFYLVATAMQLAPSAIGAGNTTKFCQIAGLNPDEEASVGEFSLGAAKPQQQS
;
_entity_poly.pdbx_strand_id   A,B
#
loop_
_chem_comp.id
_chem_comp.type
_chem_comp.name
_chem_comp.formula
FMN non-polymer 'FLAVIN MONONUCLEOTIDE' 'C17 H21 N4 O9 P'
#
# COMPACT_ATOMS: atom_id res chain seq x y z
N LEU A 1 27.70 3.19 -28.01
CA LEU A 1 26.86 2.99 -29.19
C LEU A 1 25.41 3.36 -28.90
N ASP A 2 24.73 3.91 -29.90
CA ASP A 2 23.35 4.38 -29.77
C ASP A 2 22.44 3.45 -30.56
N LEU A 3 21.47 2.84 -29.88
CA LEU A 3 20.66 1.78 -30.49
C LEU A 3 19.24 1.82 -29.94
N PHE A 4 18.68 3.02 -29.77
CA PHE A 4 17.31 3.18 -29.29
C PHE A 4 16.58 4.21 -30.13
N THR A 5 15.26 4.04 -30.24
CA THR A 5 14.41 4.95 -30.99
C THR A 5 13.82 5.99 -30.05
N LEU A 6 13.96 7.26 -30.40
CA LEU A 6 13.47 8.36 -29.58
C LEU A 6 12.08 8.77 -30.06
N SER A 7 11.15 8.92 -29.11
CA SER A 7 9.80 9.37 -29.42
C SER A 7 9.39 10.41 -28.39
N PHE A 8 8.43 11.25 -28.77
CA PHE A 8 7.89 12.22 -27.82
C PHE A 8 6.96 11.53 -26.84
N SER A 9 7.00 11.97 -25.58
CA SER A 9 6.19 11.35 -24.55
C SER A 9 4.70 11.61 -24.81
N PRO A 10 3.84 10.61 -24.60
CA PRO A 10 2.40 10.85 -24.78
C PRO A 10 1.83 11.81 -23.75
N ASP A 11 2.43 11.89 -22.57
CA ASP A 11 1.97 12.82 -21.54
C ASP A 11 2.27 14.27 -21.89
N LEU A 12 3.23 14.51 -22.78
CA LEU A 12 3.60 15.87 -23.14
C LEU A 12 2.60 16.45 -24.14
N SER A 13 2.31 17.73 -23.99
CA SER A 13 1.41 18.45 -24.90
C SER A 13 2.23 19.31 -25.85
N ILE A 14 1.98 19.15 -27.15
CA ILE A 14 2.68 19.91 -28.17
C ILE A 14 1.78 21.06 -28.62
N ALA A 15 2.21 22.29 -28.34
CA ALA A 15 1.50 23.48 -28.77
C ALA A 15 2.24 24.07 -29.96
N SER A 16 1.69 23.88 -31.15
CA SER A 16 2.27 24.36 -32.40
C SER A 16 1.55 25.64 -32.81
N GLU A 17 2.19 26.78 -32.62
CA GLU A 17 1.65 28.07 -32.98
C GLU A 17 2.53 28.73 -34.02
N ALA A 18 2.05 29.84 -34.56
CA ALA A 18 2.80 30.56 -35.60
C ALA A 18 4.04 31.20 -34.99
N GLU A 19 5.21 30.85 -35.53
CA GLU A 19 6.52 31.38 -35.17
C GLU A 19 6.96 30.99 -33.76
N GLN A 20 6.17 30.20 -33.04
CA GLN A 20 6.51 29.76 -31.69
C GLN A 20 6.26 28.26 -31.57
N LEU A 21 6.83 27.66 -30.53
CA LEU A 21 6.65 26.24 -30.29
C LEU A 21 6.73 25.98 -28.79
N THR A 22 5.74 25.26 -28.26
CA THR A 22 5.65 25.03 -26.82
C THR A 22 5.55 23.54 -26.53
N LEU A 23 6.28 23.10 -25.52
CA LEU A 23 6.18 21.74 -24.99
C LEU A 23 5.73 21.86 -23.54
N GLN A 24 4.52 21.41 -23.25
CA GLN A 24 3.88 21.62 -21.96
C GLN A 24 3.78 20.29 -21.21
N SER A 25 4.23 20.29 -19.96
CA SER A 25 4.06 19.17 -19.05
C SER A 25 3.42 19.67 -17.76
N LYS A 26 3.29 18.77 -16.79
CA LYS A 26 2.70 19.16 -15.51
C LYS A 26 3.65 20.03 -14.70
N ASP A 27 4.88 19.56 -14.49
CA ASP A 27 5.81 20.28 -13.63
C ASP A 27 6.46 21.45 -14.36
N ASP A 28 6.85 21.28 -15.62
CA ASP A 28 7.60 22.30 -16.34
C ASP A 28 7.02 22.48 -17.74
N ARG A 29 7.38 23.61 -18.34
CA ARG A 29 7.00 23.96 -19.70
C ARG A 29 8.19 24.64 -20.38
N LEU A 30 8.38 24.36 -21.66
CA LEU A 30 9.47 24.95 -22.43
C LEU A 30 8.92 25.57 -23.70
N ILE A 31 9.06 26.88 -23.84
CA ILE A 31 8.62 27.60 -25.03
C ILE A 31 9.86 28.11 -25.76
N LEU A 32 9.75 28.20 -27.08
CA LEU A 32 10.84 28.74 -27.89
C LEU A 32 10.27 29.38 -29.13
N GLU A 33 10.72 30.60 -29.40
CA GLU A 33 10.35 31.35 -30.60
C GLU A 33 11.45 31.21 -31.64
N HIS A 34 11.15 31.67 -32.86
CA HIS A 34 12.03 31.62 -34.03
C HIS A 34 12.78 30.28 -34.13
N PRO A 35 12.06 29.17 -34.33
CA PRO A 35 12.74 27.88 -34.45
C PRO A 35 13.29 27.66 -35.85
N GLN A 36 14.52 27.16 -35.90
CA GLN A 36 15.18 26.91 -37.18
C GLN A 36 14.51 25.74 -37.89
N PRO A 37 14.64 25.66 -39.22
CA PRO A 37 14.02 24.54 -39.94
C PRO A 37 14.56 23.18 -39.53
N GLY A 38 15.84 23.09 -39.17
CA GLY A 38 16.37 21.81 -38.72
C GLY A 38 15.79 21.38 -37.39
N LEU A 39 15.69 22.31 -36.44
CA LEU A 39 15.04 22.00 -35.17
C LEU A 39 13.59 21.61 -35.37
N ARG A 40 12.90 22.28 -36.29
CA ARG A 40 11.51 21.94 -36.57
C ARG A 40 11.39 20.54 -37.17
N THR A 41 12.27 20.20 -38.11
CA THR A 41 12.26 18.85 -38.68
C THR A 41 12.57 17.80 -37.63
N ALA A 42 13.53 18.08 -36.75
CA ALA A 42 13.86 17.13 -35.69
C ALA A 42 12.70 16.93 -34.72
N LEU A 43 12.02 18.02 -34.36
CA LEU A 43 10.88 17.88 -33.45
C LEU A 43 9.72 17.17 -34.12
N GLU A 44 9.54 17.37 -35.43
CA GLU A 44 8.50 16.65 -36.15
C GLU A 44 8.81 15.16 -36.23
N GLN A 45 10.07 14.80 -36.45
CA GLN A 45 10.44 13.39 -36.48
C GLN A 45 10.40 12.77 -35.09
N LEU A 46 10.62 13.56 -34.04
CA LEU A 46 10.43 13.07 -32.69
C LEU A 46 8.96 12.83 -32.39
N LYS A 47 8.08 13.70 -32.92
CA LYS A 47 6.66 13.44 -32.84
C LYS A 47 6.29 12.17 -33.60
N GLN A 48 6.94 11.93 -34.74
CA GLN A 48 6.80 10.66 -35.43
C GLN A 48 7.32 9.51 -34.57
N GLY A 49 8.58 9.60 -34.15
CA GLY A 49 9.16 8.61 -33.26
C GLY A 49 9.67 7.37 -33.97
N ASN A 50 10.54 7.55 -34.97
CA ASN A 50 11.11 6.42 -35.69
C ASN A 50 12.58 6.59 -35.99
N LEU A 51 13.25 7.58 -35.40
CA LEU A 51 14.66 7.82 -35.63
C LEU A 51 15.44 7.68 -34.33
N THR A 52 16.72 7.35 -34.46
CA THR A 52 17.62 7.34 -33.32
C THR A 52 18.22 8.73 -33.11
N LEU A 53 18.95 8.88 -32.00
CA LEU A 53 19.58 10.18 -31.71
C LEU A 53 20.58 10.56 -32.80
N ALA A 54 21.32 9.57 -33.31
CA ALA A 54 22.28 9.84 -34.38
C ALA A 54 21.58 10.31 -35.65
N GLN A 55 20.44 9.69 -35.99
CA GLN A 55 19.70 10.10 -37.17
C GLN A 55 19.16 11.52 -37.04
N LEU A 56 18.61 11.85 -35.86
CA LEU A 56 18.15 13.21 -35.63
C LEU A 56 19.29 14.22 -35.72
N THR A 57 20.45 13.87 -35.15
CA THR A 57 21.60 14.75 -35.23
C THR A 57 22.04 14.96 -36.67
N GLU A 58 22.06 13.89 -37.46
CA GLU A 58 22.45 14.01 -38.86
C GLU A 58 21.46 14.86 -39.65
N LEU A 59 20.16 14.70 -39.37
CA LEU A 59 19.16 15.52 -40.06
C LEU A 59 19.31 16.99 -39.71
N VAL A 60 19.51 17.29 -38.42
CA VAL A 60 19.71 18.68 -38.01
C VAL A 60 20.99 19.24 -38.62
N SER A 61 22.02 18.41 -38.75
CA SER A 61 23.26 18.86 -39.37
C SER A 61 23.06 19.17 -40.85
N GLU A 62 22.28 18.33 -41.55
CA GLU A 62 22.06 18.56 -42.97
C GLU A 62 21.15 19.76 -43.22
N GLN A 63 20.22 20.04 -42.31
CA GLN A 63 19.28 21.13 -42.56
C GLN A 63 19.78 22.48 -42.03
N ASP A 64 20.41 22.51 -40.86
CA ASP A 64 20.84 23.76 -40.23
C ASP A 64 22.35 23.96 -40.25
N GLY A 65 23.14 22.89 -40.30
CA GLY A 65 24.59 23.01 -40.22
C GLY A 65 25.18 22.08 -39.19
N VAL A 66 26.48 21.83 -39.28
CA VAL A 66 27.13 20.86 -38.41
C VAL A 66 27.11 21.34 -36.96
N GLU A 67 27.51 22.60 -36.74
CA GLU A 67 27.52 23.15 -35.39
C GLU A 67 26.11 23.16 -34.80
N ALA A 68 25.10 23.45 -35.63
CA ALA A 68 23.73 23.38 -35.16
C ALA A 68 23.33 21.95 -34.82
N GLY A 69 23.87 20.96 -35.55
CA GLY A 69 23.61 19.57 -35.19
C GLY A 69 24.19 19.21 -33.84
N ILE A 70 25.43 19.65 -33.57
CA ILE A 70 26.03 19.41 -32.26
C ILE A 70 25.24 20.13 -31.17
N THR A 71 24.77 21.34 -31.46
CA THR A 71 23.98 22.08 -30.49
C THR A 71 22.66 21.37 -30.19
N PHE A 72 22.03 20.81 -31.22
CA PHE A 72 20.79 20.05 -30.99
C PHE A 72 21.06 18.78 -30.19
N ALA A 73 22.17 18.11 -30.49
CA ALA A 73 22.52 16.91 -29.73
C ALA A 73 22.75 17.24 -28.25
N SER A 74 23.33 18.41 -27.97
CA SER A 74 23.51 18.83 -26.59
C SER A 74 22.17 19.23 -25.96
N GLU A 75 21.30 19.87 -26.74
CA GLU A 75 20.01 20.34 -26.21
C GLU A 75 19.08 19.19 -25.90
N LEU A 76 19.13 18.12 -26.68
CA LEU A 76 18.16 17.03 -26.51
C LEU A 76 18.34 16.31 -25.19
N GLU A 77 19.55 16.31 -24.62
CA GLU A 77 19.76 15.68 -23.33
C GLU A 77 18.95 16.35 -22.22
N LYS A 78 18.77 17.66 -22.32
CA LYS A 78 17.97 18.36 -21.31
C LYS A 78 16.51 17.94 -21.39
N LEU A 79 15.98 17.77 -22.60
CA LEU A 79 14.61 17.27 -22.75
C LEU A 79 14.49 15.83 -22.28
N VAL A 80 15.53 15.02 -22.50
CA VAL A 80 15.53 13.65 -21.99
C VAL A 80 15.49 13.66 -20.46
N ASP A 81 16.27 14.56 -19.84
CA ASP A 81 16.33 14.61 -18.38
C ASP A 81 14.96 14.94 -17.77
N LEU A 82 14.17 15.77 -18.44
CA LEU A 82 12.86 16.14 -17.94
C LEU A 82 11.82 15.04 -18.11
N GLY A 83 12.18 13.92 -18.74
CA GLY A 83 11.24 12.84 -18.94
C GLY A 83 10.28 13.03 -20.09
N TRP A 84 10.68 13.77 -21.12
CA TRP A 84 9.82 14.06 -22.25
C TRP A 84 10.04 13.12 -23.43
N ILE A 85 11.02 12.23 -23.37
CA ILE A 85 11.41 11.40 -24.50
C ILE A 85 11.35 9.94 -24.09
N CYS A 86 10.54 9.17 -24.80
CA CYS A 86 10.46 7.73 -24.63
C CYS A 86 11.49 7.04 -25.52
N HIS A 87 12.00 5.92 -25.05
CA HIS A 87 13.01 5.15 -25.76
C HIS A 87 12.43 3.77 -26.10
N SER A 88 12.39 3.45 -27.38
CA SER A 88 11.67 2.25 -27.84
C SER A 88 12.57 1.38 -28.72
N VAL A 89 12.35 0.08 -28.61
CA VAL A 89 12.85 -0.91 -29.56
C VAL A 89 11.63 -1.40 -30.32
N LEU A 90 11.45 -0.89 -31.54
CA LEU A 90 10.25 -1.13 -32.32
C LEU A 90 10.41 -2.37 -33.20
N PRO A 91 9.35 -3.16 -33.38
CA PRO A 91 8.07 -2.98 -32.70
C PRO A 91 7.89 -3.94 -31.52
N LEU A 92 8.75 -3.82 -30.51
CA LEU A 92 8.81 -4.77 -29.41
C LEU A 92 8.41 -4.16 -28.07
N ILE A 93 8.97 -3.00 -27.71
CA ILE A 93 8.76 -2.44 -26.37
C ILE A 93 9.08 -0.96 -26.41
N THR A 94 8.41 -0.19 -25.55
CA THR A 94 8.64 1.24 -25.46
C THR A 94 8.72 1.66 -24.00
N ALA A 95 9.85 2.22 -23.58
CA ALA A 95 10.03 2.74 -22.24
C ALA A 95 9.60 4.20 -22.19
N ILE A 96 8.61 4.48 -21.36
CA ILE A 96 8.07 5.83 -21.15
C ILE A 96 8.53 6.31 -19.77
N PRO A 97 9.06 7.54 -19.66
CA PRO A 97 9.46 8.05 -18.35
C PRO A 97 8.24 8.36 -17.48
N ILE A 98 8.44 8.24 -16.17
CA ILE A 98 7.36 8.50 -15.23
C ILE A 98 7.89 9.35 -14.07
N ALA A 99 9.13 9.81 -14.16
CA ALA A 99 9.71 10.61 -13.10
C ALA A 99 10.73 11.57 -13.69
N LYS A 100 10.87 12.72 -13.04
CA LYS A 100 11.81 13.74 -13.48
C LYS A 100 13.24 13.26 -13.23
N ASP A 101 14.20 14.07 -13.69
CA ASP A 101 15.62 13.70 -13.67
C ASP A 101 15.84 12.36 -14.33
N TYR A 102 15.19 12.16 -15.47
CA TYR A 102 15.22 10.89 -16.18
C TYR A 102 16.61 10.64 -16.77
N GLU A 103 16.99 9.36 -16.81
CA GLU A 103 18.30 8.99 -17.33
C GLU A 103 18.25 7.53 -17.79
N LEU A 104 18.73 7.30 -19.02
CA LEU A 104 18.83 5.95 -19.58
C LEU A 104 20.29 5.68 -19.91
N ASN A 105 20.80 4.55 -19.43
CA ASN A 105 22.21 4.19 -19.59
C ASN A 105 22.30 2.81 -20.24
N VAL A 106 22.70 2.79 -21.51
CA VAL A 106 22.94 1.52 -22.21
C VAL A 106 24.06 0.78 -21.49
N PRO A 107 23.81 -0.42 -20.98
CA PRO A 107 24.85 -1.12 -20.21
C PRO A 107 25.99 -1.60 -21.10
N ASP A 108 27.11 -1.87 -20.46
CA ASP A 108 28.28 -2.38 -21.17
C ASP A 108 27.99 -3.78 -21.72
N SER A 109 28.69 -4.13 -22.80
CA SER A 109 28.44 -5.40 -23.48
C SER A 109 28.65 -6.60 -22.57
N SER A 110 29.36 -6.43 -21.46
CA SER A 110 29.62 -7.55 -20.54
C SER A 110 28.35 -8.20 -20.03
N TRP A 111 27.21 -7.50 -20.08
CA TRP A 111 25.95 -8.11 -19.66
C TRP A 111 25.64 -9.37 -20.45
N GLN A 112 26.17 -9.50 -21.67
CA GLN A 112 25.90 -10.69 -22.46
C GLN A 112 26.56 -11.93 -21.86
N THR A 113 27.65 -11.75 -21.12
CA THR A 113 28.37 -12.87 -20.51
C THR A 113 28.22 -12.89 -19.00
N THR A 114 27.31 -12.10 -18.43
CA THR A 114 27.09 -12.04 -17.00
C THR A 114 25.71 -12.59 -16.68
N ALA A 115 25.61 -13.32 -15.57
CA ALA A 115 24.33 -13.88 -15.14
C ALA A 115 23.39 -12.76 -14.70
N ILE A 116 22.16 -12.80 -15.19
CA ILE A 116 21.15 -11.80 -14.88
C ILE A 116 19.85 -12.52 -14.53
N ALA A 117 18.91 -11.75 -13.97
CA ALA A 117 17.60 -12.28 -13.61
C ALA A 117 16.62 -11.13 -13.55
N LEU A 118 15.33 -11.45 -13.73
CA LEU A 118 14.29 -10.44 -13.67
C LEU A 118 14.08 -9.99 -12.23
N SER A 119 13.97 -8.68 -12.04
CA SER A 119 13.72 -8.13 -10.71
C SER A 119 12.38 -8.62 -10.18
N ARG A 120 12.38 -9.07 -8.92
CA ARG A 120 11.15 -9.56 -8.31
C ARG A 120 10.14 -8.44 -8.07
N PHE A 121 10.54 -7.18 -8.22
CA PHE A 121 9.62 -6.05 -8.13
C PHE A 121 9.08 -5.63 -9.49
N ALA A 122 9.55 -6.26 -10.57
CA ALA A 122 8.99 -6.01 -11.90
C ALA A 122 7.75 -6.86 -12.09
N PHE A 123 6.66 -6.23 -12.51
CA PHE A 123 5.39 -6.92 -12.66
C PHE A 123 4.69 -6.49 -13.94
N LEU A 124 4.04 -7.45 -14.59
CA LEU A 124 3.28 -7.21 -15.82
C LEU A 124 1.80 -7.13 -15.49
N HIS A 125 1.13 -6.11 -16.02
CA HIS A 125 -0.30 -5.95 -15.81
C HIS A 125 -0.90 -5.21 -17.00
N GLN A 126 -2.22 -5.26 -17.10
CA GLN A 126 -2.94 -4.60 -18.19
C GLN A 126 -3.35 -3.20 -17.72
N ASP A 127 -2.77 -2.18 -18.36
CA ASP A 127 -3.11 -0.78 -18.08
C ASP A 127 -3.70 -0.16 -19.33
N LEU A 128 -4.77 0.61 -19.14
CA LEU A 128 -5.61 1.06 -20.26
C LEU A 128 -6.02 -0.14 -21.10
N GLN A 129 -5.54 -0.20 -22.34
CA GLN A 129 -5.82 -1.35 -23.20
C GLN A 129 -4.53 -2.04 -23.66
N GLN A 130 -3.43 -1.86 -22.93
CA GLN A 130 -2.14 -2.39 -23.34
C GLN A 130 -1.41 -3.04 -22.18
N LEU A 131 -0.53 -3.98 -22.51
CA LEU A 131 0.28 -4.67 -21.52
C LEU A 131 1.47 -3.82 -21.11
N VAL A 132 1.75 -3.80 -19.80
CA VAL A 132 2.70 -2.86 -19.23
C VAL A 132 3.52 -3.57 -18.16
N LEU A 133 4.84 -3.44 -18.26
CA LEU A 133 5.78 -3.86 -17.23
C LEU A 133 6.15 -2.65 -16.38
N GLU A 134 5.97 -2.76 -15.08
CA GLU A 134 6.29 -1.68 -14.15
C GLU A 134 7.16 -2.22 -13.02
N SER A 135 7.77 -1.30 -12.29
CA SER A 135 8.59 -1.64 -11.14
C SER A 135 8.76 -0.43 -10.25
N PRO A 136 8.59 -0.58 -8.93
CA PRO A 136 8.79 0.59 -8.04
C PRO A 136 10.24 1.05 -8.00
N ARG A 137 11.20 0.18 -8.30
CA ARG A 137 12.60 0.55 -8.34
C ARG A 137 13.01 1.18 -9.66
N SER A 138 12.12 1.22 -10.65
CA SER A 138 12.42 1.74 -11.97
C SER A 138 11.76 3.11 -12.17
N LYS A 139 12.45 3.97 -12.91
CA LYS A 139 11.92 5.27 -13.29
C LYS A 139 11.19 5.23 -14.63
N SER A 140 10.90 4.04 -15.16
CA SER A 140 10.31 3.89 -16.47
C SER A 140 9.11 2.96 -16.40
N LYS A 141 8.31 2.99 -17.48
CA LYS A 141 7.15 2.12 -17.64
C LYS A 141 7.22 1.53 -19.04
N LEU A 142 7.24 0.20 -19.14
CA LEU A 142 7.47 -0.47 -20.41
C LEU A 142 6.14 -0.90 -21.01
N VAL A 143 5.77 -0.29 -22.14
CA VAL A 143 4.62 -0.73 -22.92
C VAL A 143 5.10 -1.84 -23.84
N ILE A 144 4.46 -3.01 -23.72
CA ILE A 144 4.84 -4.19 -24.50
C ILE A 144 4.04 -4.19 -25.78
N LEU A 145 4.70 -3.88 -26.90
CA LEU A 145 4.03 -3.82 -28.20
C LEU A 145 3.91 -5.16 -28.89
N ASP A 146 4.65 -6.17 -28.42
CA ASP A 146 4.68 -7.47 -29.09
C ASP A 146 4.64 -8.57 -28.04
N TRP A 147 3.74 -9.54 -28.23
CA TRP A 147 3.58 -10.60 -27.24
C TRP A 147 4.81 -11.48 -27.12
N ARG A 148 5.68 -11.49 -28.14
CA ARG A 148 6.91 -12.27 -28.04
C ARG A 148 7.82 -11.72 -26.94
N VAL A 149 7.76 -10.42 -26.67
CA VAL A 149 8.46 -9.87 -25.51
C VAL A 149 7.88 -10.45 -24.23
N GLY A 150 6.56 -10.62 -24.18
CA GLY A 150 5.95 -11.26 -23.02
C GLY A 150 6.42 -12.69 -22.86
N ALA A 151 6.55 -13.41 -23.97
CA ALA A 151 7.06 -14.79 -23.92
C ALA A 151 8.51 -14.81 -23.43
N VAL A 152 9.31 -13.84 -23.88
CA VAL A 152 10.70 -13.74 -23.42
C VAL A 152 10.75 -13.50 -21.93
N ILE A 153 9.93 -12.57 -21.43
CA ILE A 153 9.91 -12.28 -20.01
C ILE A 153 9.43 -13.49 -19.21
N ALA A 154 8.48 -14.25 -19.78
CA ALA A 154 8.00 -15.46 -19.11
C ALA A 154 9.11 -16.51 -19.02
N LYS A 155 9.84 -16.73 -20.11
CA LYS A 155 10.95 -17.67 -20.09
C LYS A 155 12.04 -17.23 -19.13
N LEU A 156 12.30 -15.92 -19.06
CA LEU A 156 13.34 -15.41 -18.19
C LEU A 156 12.95 -15.56 -16.71
N ALA A 157 11.69 -15.25 -16.39
CA ALA A 157 11.23 -15.42 -15.01
C ALA A 157 11.12 -16.90 -14.66
N GLN A 158 10.72 -17.74 -15.62
CA GLN A 158 10.62 -19.17 -15.37
C GLN A 158 12.00 -19.82 -15.22
N SER A 159 13.03 -19.24 -15.85
CA SER A 159 14.34 -19.85 -15.83
C SER A 159 14.91 -19.88 -14.41
N ASP A 160 15.57 -20.98 -14.08
CA ASP A 160 16.14 -21.16 -12.75
C ASP A 160 17.60 -20.71 -12.72
N ARG A 161 18.12 -20.53 -11.51
CA ARG A 161 19.51 -20.14 -11.25
C ARG A 161 19.78 -18.82 -11.99
N GLY A 162 20.93 -18.68 -12.65
CA GLY A 162 21.29 -17.46 -13.35
C GLY A 162 21.15 -17.65 -14.86
N PHE A 163 20.74 -16.57 -15.53
CA PHE A 163 20.56 -16.56 -16.97
C PHE A 163 21.70 -15.78 -17.61
N ILE A 164 22.50 -16.44 -18.43
CA ILE A 164 23.59 -15.82 -19.16
C ILE A 164 23.19 -15.74 -20.62
N PHE A 165 23.19 -14.53 -21.17
CA PHE A 165 22.72 -14.33 -22.54
C PHE A 165 23.57 -15.08 -23.55
N ALA A 166 24.89 -15.06 -23.38
CA ALA A 166 25.78 -15.67 -24.36
C ALA A 166 25.54 -17.17 -24.49
N THR A 167 25.14 -17.84 -23.42
CA THR A 167 24.96 -19.29 -23.46
C THR A 167 23.51 -19.69 -23.74
N SER A 168 22.54 -18.90 -23.31
CA SER A 168 21.13 -19.29 -23.39
C SER A 168 20.34 -18.54 -24.44
N ALA A 169 20.95 -17.59 -25.15
CA ALA A 169 20.23 -16.84 -26.17
C ALA A 169 19.88 -17.70 -27.38
N ASP A 170 20.62 -18.78 -27.62
CA ASP A 170 20.34 -19.63 -28.76
C ASP A 170 18.98 -20.30 -28.62
N SER A 171 18.62 -20.73 -27.40
CA SER A 171 17.32 -21.35 -27.20
C SER A 171 16.19 -20.35 -27.42
N LEU A 172 16.37 -19.11 -26.99
CA LEU A 172 15.35 -18.09 -27.21
C LEU A 172 15.22 -17.74 -28.69
N LEU A 173 16.35 -17.67 -29.41
CA LEU A 173 16.31 -17.41 -30.84
C LEU A 173 15.75 -18.58 -31.64
N ALA A 174 15.84 -19.80 -31.12
CA ALA A 174 15.28 -20.95 -31.81
C ALA A 174 13.80 -21.16 -31.50
N ASP A 175 13.37 -20.87 -30.28
CA ASP A 175 11.97 -21.05 -29.93
C ASP A 175 11.08 -19.96 -30.50
N LEU A 176 11.61 -18.75 -30.67
CA LEU A 176 10.84 -17.62 -31.16
C LEU A 176 11.46 -17.11 -32.46
N SER A 177 10.70 -16.28 -33.18
CA SER A 177 11.15 -15.72 -34.44
C SER A 177 11.92 -14.42 -34.28
N LEU A 178 12.19 -14.00 -33.04
CA LEU A 178 12.91 -12.74 -32.83
C LEU A 178 14.35 -12.85 -33.32
N GLU A 179 14.85 -11.76 -33.90
CA GLU A 179 16.21 -11.71 -34.39
C GLU A 179 17.17 -11.47 -33.23
N LEU A 180 18.44 -11.84 -33.45
CA LEU A 180 19.45 -11.69 -32.40
C LEU A 180 19.64 -10.23 -32.02
N GLU A 181 19.68 -9.34 -33.02
CA GLU A 181 19.84 -7.91 -32.73
C GLU A 181 18.63 -7.36 -31.99
N GLU A 182 17.42 -7.79 -32.38
CA GLU A 182 16.23 -7.39 -31.64
C GLU A 182 16.29 -7.87 -30.19
N LEU A 183 16.75 -9.10 -29.98
CA LEU A 183 16.83 -9.64 -28.63
C LEU A 183 17.84 -8.86 -27.79
N LYS A 184 18.99 -8.52 -28.38
CA LYS A 184 19.99 -7.75 -27.66
C LYS A 184 19.48 -6.35 -27.33
N ARG A 185 18.77 -5.71 -28.27
CA ARG A 185 18.17 -4.41 -27.99
C ARG A 185 17.15 -4.50 -26.85
N LEU A 186 16.30 -5.53 -26.88
CA LEU A 186 15.30 -5.71 -25.83
C LEU A 186 15.96 -5.89 -24.47
N PHE A 187 16.98 -6.75 -24.40
CA PHE A 187 17.66 -6.98 -23.13
C PHE A 187 18.40 -5.75 -22.66
N ALA A 188 19.01 -4.99 -23.59
CA ALA A 188 19.67 -3.75 -23.20
C ALA A 188 18.68 -2.76 -22.60
N LEU A 189 17.49 -2.63 -23.21
CA LEU A 189 16.48 -1.74 -22.67
C LEU A 189 16.00 -2.22 -21.30
N LEU A 190 15.78 -3.53 -21.15
CA LEU A 190 15.34 -4.06 -19.86
C LEU A 190 16.37 -3.80 -18.78
N ILE A 191 17.66 -3.97 -19.08
CA ILE A 191 18.70 -3.73 -18.09
C ILE A 191 18.82 -2.24 -17.79
N ALA A 192 18.65 -1.39 -18.81
CA ALA A 192 18.81 0.04 -18.61
C ALA A 192 17.66 0.64 -17.82
N THR A 193 16.46 0.05 -17.92
CA THR A 193 15.30 0.55 -17.20
C THR A 193 15.12 -0.11 -15.83
N GLN A 194 16.20 -0.60 -15.24
CA GLN A 194 16.20 -1.17 -13.89
C GLN A 194 15.17 -2.29 -13.73
N MET A 195 14.90 -3.01 -14.82
CA MET A 195 14.02 -4.16 -14.77
C MET A 195 14.77 -5.47 -14.59
N MET A 196 16.08 -5.47 -14.77
CA MET A 196 16.91 -6.65 -14.64
C MET A 196 17.89 -6.47 -13.50
N ASP A 197 18.18 -7.56 -12.79
CA ASP A 197 19.16 -7.58 -11.73
C ASP A 197 20.39 -8.34 -12.20
N LEU A 198 21.52 -7.64 -12.31
CA LEU A 198 22.79 -8.28 -12.59
C LEU A 198 23.55 -8.64 -11.32
N GLU A 199 23.10 -8.15 -10.17
CA GLU A 199 23.64 -8.45 -8.85
C GLU A 199 22.59 -9.16 -8.01
N PRO A 200 23.00 -9.93 -7.00
CA PRO A 200 22.01 -10.66 -6.19
C PRO A 200 21.23 -9.75 -5.26
N GLU A 201 20.51 -8.79 -5.83
CA GLU A 201 19.67 -7.82 -5.12
C GLU A 201 20.55 -7.13 -4.06
N ASP A 202 20.10 -7.01 -2.82
CA ASP A 202 20.85 -6.34 -1.76
C ASP A 202 20.20 -6.68 -0.43
N GLU A 203 20.95 -6.48 0.65
CA GLU A 203 20.43 -6.81 1.97
C GLU A 203 19.38 -5.80 2.44
N THR A 204 19.49 -4.54 2.01
CA THR A 204 18.50 -3.54 2.42
C THR A 204 17.18 -3.73 1.70
N ILE A 205 17.22 -4.24 0.46
CA ILE A 205 15.98 -4.42 -0.30
C ILE A 205 15.30 -5.74 0.04
N THR A 206 16.07 -6.74 0.52
CA THR A 206 15.48 -8.00 0.93
C THR A 206 14.43 -7.81 2.03
N GLN A 207 14.61 -6.78 2.86
CA GLN A 207 13.62 -6.48 3.90
C GLN A 207 12.27 -6.11 3.32
N TRP A 208 12.26 -5.58 2.09
CA TRP A 208 11.04 -5.05 1.51
C TRP A 208 10.22 -6.14 0.84
N LYS A 209 8.93 -6.18 1.12
CA LYS A 209 7.99 -6.99 0.38
C LYS A 209 7.51 -6.23 -0.85
N PHE A 210 6.93 -6.98 -1.79
CA PHE A 210 6.50 -6.37 -3.05
C PHE A 210 5.45 -5.29 -2.84
N HIS A 211 4.37 -5.63 -2.13
CA HIS A 211 3.26 -4.69 -1.97
C HIS A 211 3.67 -3.47 -1.17
N ASN A 212 4.50 -3.66 -0.13
CA ASN A 212 4.92 -2.52 0.68
C ASN A 212 5.74 -1.53 -0.15
N LEU A 213 6.70 -2.03 -0.93
CA LEU A 213 7.51 -1.13 -1.74
C LEU A 213 6.68 -0.46 -2.84
N LEU A 214 5.76 -1.22 -3.46
CA LEU A 214 4.90 -0.63 -4.48
C LEU A 214 4.06 0.50 -3.91
N PHE A 215 3.44 0.25 -2.74
CA PHE A 215 2.61 1.26 -2.10
C PHE A 215 3.44 2.48 -1.69
N HIS A 216 4.62 2.25 -1.11
CA HIS A 216 5.47 3.36 -0.69
C HIS A 216 5.92 4.20 -1.88
N HIS A 217 6.23 3.56 -3.00
CA HIS A 217 6.68 4.32 -4.17
C HIS A 217 5.53 5.10 -4.80
N TYR A 218 4.34 4.50 -4.89
CA TYR A 218 3.25 5.18 -5.56
C TYR A 218 2.63 6.28 -4.69
N THR A 219 2.58 6.10 -3.38
CA THR A 219 1.96 7.12 -2.54
C THR A 219 2.89 8.30 -2.27
N ARG A 220 4.20 8.06 -2.17
CA ARG A 220 5.16 9.10 -1.83
C ARG A 220 5.76 9.78 -3.04
N LEU A 221 5.06 9.78 -4.18
CA LEU A 221 5.55 10.46 -5.37
C LEU A 221 5.18 11.94 -5.34
N LEU A 232 -9.13 20.13 -11.35
CA LEU A 232 -9.90 19.94 -10.14
C LEU A 232 -10.90 18.80 -10.28
N PRO A 233 -10.88 17.85 -9.35
CA PRO A 233 -11.85 16.76 -9.38
C PRO A 233 -13.21 17.20 -8.87
N VAL A 234 -14.21 16.38 -9.16
CA VAL A 234 -15.59 16.65 -8.78
C VAL A 234 -16.18 15.41 -8.11
N PHE A 235 -16.88 15.62 -7.00
CA PHE A 235 -17.52 14.56 -6.24
C PHE A 235 -18.81 14.15 -6.96
N GLU A 236 -18.65 13.34 -8.00
CA GLU A 236 -19.80 12.94 -8.81
C GLU A 236 -20.74 12.03 -8.04
N HIS A 237 -20.18 11.07 -7.29
CA HIS A 237 -20.98 10.10 -6.54
C HIS A 237 -21.28 10.58 -5.12
N ARG A 238 -21.48 11.88 -4.94
CA ARG A 238 -21.72 12.42 -3.60
C ARG A 238 -22.98 11.86 -2.97
N ASP A 239 -24.03 11.65 -3.78
CA ASP A 239 -25.29 11.17 -3.24
C ASP A 239 -25.19 9.76 -2.69
N ARG A 240 -24.30 8.94 -3.25
CA ARG A 240 -24.14 7.58 -2.75
C ARG A 240 -23.35 7.52 -1.45
N TYR A 241 -22.43 8.46 -1.23
CA TYR A 241 -21.58 8.49 -0.05
C TYR A 241 -21.81 9.80 0.69
N PRO A 242 -22.85 9.90 1.51
CA PRO A 242 -23.16 11.15 2.19
C PRO A 242 -22.22 11.39 3.36
N TYR A 243 -22.50 12.48 4.10
CA TYR A 243 -21.63 12.87 5.20
C TYR A 243 -21.76 11.93 6.39
N VAL A 244 -22.98 11.45 6.66
CA VAL A 244 -23.21 10.41 7.66
C VAL A 244 -23.80 9.20 6.94
N LYS A 245 -23.43 8.01 7.40
CA LYS A 245 -23.92 6.80 6.77
C LYS A 245 -25.41 6.64 7.06
N PRO A 246 -26.21 6.24 6.07
CA PRO A 246 -27.64 5.99 6.32
C PRO A 246 -27.84 4.96 7.42
N VAL A 247 -28.94 5.13 8.16
CA VAL A 247 -29.18 4.30 9.33
C VAL A 247 -29.38 2.85 8.91
N ILE A 248 -28.69 1.94 9.58
CA ILE A 248 -28.79 0.52 9.24
C ILE A 248 -30.11 -0.04 9.73
N SER A 249 -30.38 0.05 11.03
CA SER A 249 -31.61 -0.45 11.62
C SER A 249 -32.31 0.68 12.39
N THR A 250 -33.64 0.73 12.27
CA THR A 250 -34.39 1.82 12.87
C THR A 250 -34.35 1.79 14.39
N GLN A 251 -34.28 0.59 14.99
CA GLN A 251 -34.16 0.47 16.44
C GLN A 251 -32.81 1.01 16.87
N ALA A 252 -32.82 2.10 17.63
CA ALA A 252 -31.60 2.79 18.02
C ALA A 252 -31.57 2.99 19.53
N ILE A 253 -30.39 2.80 20.11
CA ILE A 253 -30.16 2.99 21.53
C ILE A 253 -29.46 4.33 21.71
N PRO A 254 -29.96 5.23 22.55
CA PRO A 254 -29.30 6.52 22.74
C PRO A 254 -28.09 6.42 23.64
N LEU A 255 -27.19 7.39 23.48
CA LEU A 255 -25.95 7.45 24.26
C LEU A 255 -25.89 8.77 25.01
N VAL A 256 -25.22 8.74 26.17
CA VAL A 256 -25.20 9.89 27.07
C VAL A 256 -24.30 10.98 26.51
N LYS A 257 -24.76 12.24 26.61
CA LYS A 257 -23.97 13.38 26.18
C LYS A 257 -23.35 14.04 27.39
N PRO A 258 -22.03 14.05 27.52
CA PRO A 258 -21.40 14.72 28.66
C PRO A 258 -21.32 16.22 28.45
N ASP A 259 -21.35 16.96 29.56
CA ASP A 259 -21.22 18.41 29.54
C ASP A 259 -19.79 18.77 29.20
N LEU A 260 -19.55 19.19 27.96
CA LEU A 260 -18.20 19.51 27.52
C LEU A 260 -17.73 20.89 28.02
N THR A 261 -18.66 21.77 28.39
CA THR A 261 -18.24 23.04 28.99
C THR A 261 -17.69 22.83 30.39
N ALA A 262 -18.24 21.88 31.13
CA ALA A 262 -17.72 21.53 32.45
C ALA A 262 -16.44 20.71 32.33
N LEU A 263 -16.38 19.80 31.37
CA LEU A 263 -15.17 19.00 31.16
C LEU A 263 -14.02 19.85 30.64
N ALA A 264 -14.30 21.02 30.06
CA ALA A 264 -13.25 21.91 29.58
C ALA A 264 -12.40 22.47 30.71
N THR A 265 -12.83 22.32 31.96
CA THR A 265 -12.05 22.75 33.12
C THR A 265 -11.80 21.64 34.13
N THR A 266 -12.64 20.61 34.18
CA THR A 266 -12.47 19.54 35.15
C THR A 266 -11.48 18.48 34.67
N ASP A 267 -11.54 18.13 33.38
CA ASP A 267 -10.72 17.06 32.84
C ASP A 267 -9.23 17.42 32.96
N MET A 268 -8.39 16.39 32.87
CA MET A 268 -6.96 16.58 33.06
C MET A 268 -6.36 17.37 31.90
N THR A 269 -5.20 17.98 32.16
CA THR A 269 -4.52 18.76 31.14
C THR A 269 -3.95 17.84 30.07
N LEU A 270 -3.69 18.45 28.90
CA LEU A 270 -3.15 17.67 27.78
C LEU A 270 -1.79 17.07 28.10
N THR A 271 -0.94 17.82 28.79
CA THR A 271 0.35 17.31 29.19
C THR A 271 0.21 16.13 30.15
N GLU A 272 -0.72 16.24 31.11
CA GLU A 272 -0.98 15.13 32.03
C GLU A 272 -1.44 13.89 31.29
N ALA A 273 -2.35 14.06 30.32
CA ALA A 273 -2.84 12.91 29.57
C ALA A 273 -1.75 12.29 28.71
N ILE A 274 -0.89 13.11 28.10
CA ILE A 274 0.18 12.57 27.26
C ILE A 274 1.23 11.87 28.10
N GLU A 275 1.50 12.37 29.32
CA GLU A 275 2.52 11.74 30.15
C GLU A 275 2.00 10.54 30.93
N THR A 276 0.68 10.44 31.13
CA THR A 276 0.09 9.34 31.88
C THR A 276 -0.43 8.22 30.98
N ARG A 277 -0.60 8.47 29.68
CA ARG A 277 -1.22 7.49 28.81
C ARG A 277 -0.35 6.25 28.64
N ARG A 278 -1.01 5.09 28.55
CA ARG A 278 -0.32 3.83 28.32
C ARG A 278 -1.36 2.81 27.85
N SER A 279 -0.87 1.79 27.16
CA SER A 279 -1.75 0.73 26.64
C SER A 279 -2.07 -0.24 27.78
N ILE A 280 -3.34 -0.26 28.19
CA ILE A 280 -3.81 -1.08 29.30
C ILE A 280 -4.62 -2.23 28.73
N ARG A 281 -4.25 -3.46 29.08
CA ARG A 281 -4.92 -4.64 28.58
C ARG A 281 -5.57 -5.49 29.68
N GLU A 282 -5.22 -5.27 30.94
CA GLU A 282 -5.84 -5.99 32.06
C GLU A 282 -7.10 -5.23 32.48
N TYR A 283 -8.26 -5.80 32.16
CA TYR A 283 -9.53 -5.14 32.45
C TYR A 283 -10.06 -5.55 33.81
N SER A 284 -10.87 -4.67 34.40
CA SER A 284 -11.44 -4.91 35.72
C SER A 284 -12.50 -6.01 35.65
N ASP A 285 -12.96 -6.44 36.81
CA ASP A 285 -14.06 -7.40 36.87
C ASP A 285 -15.38 -6.71 36.54
N GLN A 286 -15.54 -5.47 36.97
CA GLN A 286 -16.73 -4.69 36.60
C GLN A 286 -16.55 -4.14 35.20
N PRO A 287 -17.38 -4.54 34.24
CA PRO A 287 -17.16 -4.12 32.84
C PRO A 287 -17.43 -2.63 32.67
N ILE A 288 -16.98 -2.12 31.52
CA ILE A 288 -17.19 -0.72 31.17
C ILE A 288 -18.68 -0.47 30.96
N THR A 289 -19.19 0.62 31.52
CA THR A 289 -20.61 0.91 31.46
C THR A 289 -20.97 1.54 30.11
N LEU A 290 -22.28 1.65 29.87
CA LEU A 290 -22.75 2.24 28.62
C LEU A 290 -22.55 3.74 28.61
N ALA A 291 -22.71 4.40 29.77
CA ALA A 291 -22.51 5.84 29.83
C ALA A 291 -21.06 6.21 29.54
N GLN A 292 -20.12 5.38 29.98
CA GLN A 292 -18.72 5.63 29.67
C GLN A 292 -18.45 5.51 28.17
N LEU A 293 -19.04 4.49 27.53
CA LEU A 293 -18.92 4.36 26.09
C LEU A 293 -19.52 5.55 25.36
N GLY A 294 -20.68 6.03 25.84
CA GLY A 294 -21.30 7.18 25.22
C GLY A 294 -20.46 8.43 25.34
N GLU A 295 -19.92 8.69 26.53
CA GLU A 295 -19.04 9.84 26.72
C GLU A 295 -17.79 9.72 25.86
N PHE A 296 -17.22 8.52 25.78
CA PHE A 296 -16.03 8.30 24.97
C PHE A 296 -16.31 8.62 23.50
N LEU A 297 -17.37 8.05 22.94
CA LEU A 297 -17.70 8.28 21.54
C LEU A 297 -18.07 9.74 21.29
N TYR A 298 -18.71 10.40 22.26
CA TYR A 298 -19.09 11.80 22.09
C TYR A 298 -17.86 12.70 22.11
N ARG A 299 -16.85 12.36 22.92
CA ARG A 299 -15.65 13.18 22.99
C ARG A 299 -14.64 12.85 21.92
N CYS A 300 -14.78 11.70 21.25
CA CYS A 300 -13.80 11.27 20.25
C CYS A 300 -14.26 11.53 18.82
N ALA A 301 -15.38 10.94 18.41
CA ALA A 301 -15.76 10.92 17.00
C ALA A 301 -17.21 11.33 16.77
N ARG A 302 -17.70 12.30 17.54
CA ARG A 302 -19.04 12.80 17.30
C ARG A 302 -19.02 13.81 16.15
N VAL A 303 -20.22 14.14 15.66
CA VAL A 303 -20.39 15.20 14.67
C VAL A 303 -20.80 16.46 15.43
N LYS A 304 -19.98 17.51 15.30
CA LYS A 304 -20.25 18.77 15.99
C LYS A 304 -21.17 19.68 15.20
N ALA A 305 -20.96 19.77 13.88
CA ALA A 305 -21.79 20.64 13.04
C ALA A 305 -21.73 20.14 11.60
N VAL A 306 -22.80 20.41 10.86
CA VAL A 306 -22.89 20.11 9.44
C VAL A 306 -22.88 21.43 8.68
N TYR A 307 -21.97 21.56 7.73
CA TYR A 307 -21.81 22.81 6.99
C TYR A 307 -21.69 22.53 5.50
N THR A 308 -21.78 23.59 4.71
CA THR A 308 -21.59 23.53 3.27
C THR A 308 -20.70 24.70 2.87
N LEU A 309 -19.66 24.41 2.08
CA LEU A 309 -18.74 25.46 1.66
C LEU A 309 -19.49 26.51 0.84
N PRO A 310 -19.20 27.80 1.06
CA PRO A 310 -19.94 28.83 0.32
C PRO A 310 -19.65 28.84 -1.17
N GLU A 311 -18.42 28.50 -1.57
CA GLU A 311 -18.03 28.48 -2.99
C GLU A 311 -17.11 27.27 -3.19
N ASP A 312 -17.71 26.10 -3.35
CA ASP A 312 -16.94 24.87 -3.56
C ASP A 312 -17.05 24.44 -5.02
N PRO A 313 -15.97 24.51 -5.80
CA PRO A 313 -16.05 24.04 -7.18
C PRO A 313 -16.09 22.53 -7.32
N MET A 314 -15.70 21.79 -6.28
CA MET A 314 -15.70 20.34 -6.32
C MET A 314 -17.06 19.73 -6.01
N GLN A 315 -18.06 20.55 -5.72
CA GLN A 315 -19.42 20.07 -5.38
C GLN A 315 -19.38 19.10 -4.22
N VAL A 316 -18.60 19.44 -3.19
CA VAL A 316 -18.49 18.56 -2.01
C VAL A 316 -19.83 18.45 -1.30
N GLY A 317 -20.62 19.52 -1.29
CA GLY A 317 -21.90 19.49 -0.61
C GLY A 317 -21.73 19.57 0.88
N GLU A 318 -22.46 18.72 1.61
CA GLU A 318 -22.42 18.74 3.06
C GLU A 318 -21.16 18.09 3.60
N SER A 319 -20.61 18.67 4.67
CA SER A 319 -19.44 18.14 5.35
C SER A 319 -19.58 18.40 6.83
N THR A 320 -18.95 17.55 7.63
CA THR A 320 -19.08 17.59 9.08
C THR A 320 -17.77 17.98 9.74
N THR A 321 -17.89 18.53 10.95
CA THR A 321 -16.75 18.78 11.82
C THR A 321 -16.74 17.75 12.93
N ARG A 322 -15.55 17.29 13.29
CA ARG A 322 -15.38 16.23 14.26
C ARG A 322 -14.14 16.53 15.11
N PRO A 323 -14.05 15.95 16.31
CA PRO A 323 -12.94 16.30 17.22
C PRO A 323 -11.55 15.98 16.67
N TYR A 324 -11.44 15.12 15.68
CA TYR A 324 -10.16 14.76 15.08
C TYR A 324 -10.04 15.34 13.68
N PRO A 325 -8.82 15.56 13.19
CA PRO A 325 -8.66 16.08 11.83
C PRO A 325 -8.67 14.99 10.78
N SER A 326 -8.96 15.41 9.54
CA SER A 326 -9.01 14.50 8.41
C SER A 326 -8.77 15.30 7.14
N GLY A 327 -8.09 14.66 6.18
CA GLY A 327 -7.72 15.31 4.94
C GLY A 327 -8.89 15.80 4.12
N GLY A 328 -8.95 17.12 3.92
CA GLY A 328 -10.03 17.71 3.13
C GLY A 328 -11.40 17.54 3.75
N ALA A 329 -11.46 17.39 5.07
CA ALA A 329 -12.71 17.14 5.80
C ALA A 329 -13.31 15.86 5.24
N LEU A 330 -14.59 15.84 4.89
CA LEU A 330 -15.30 14.65 4.38
C LEU A 330 -14.89 13.39 5.14
N TYR A 331 -15.21 13.39 6.43
CA TYR A 331 -14.85 12.30 7.33
C TYR A 331 -15.51 11.00 6.89
N GLU A 332 -14.70 10.03 6.47
CA GLU A 332 -15.18 8.80 5.86
C GLU A 332 -15.03 7.59 6.77
N LEU A 333 -14.74 7.79 8.05
CA LEU A 333 -14.54 6.69 8.99
C LEU A 333 -15.81 6.43 9.77
N GLU A 334 -16.22 5.17 9.83
CA GLU A 334 -17.33 4.72 10.65
C GLU A 334 -16.78 3.81 11.77
N ILE A 335 -17.46 3.84 12.90
CA ILE A 335 -17.03 3.11 14.09
C ILE A 335 -18.11 2.09 14.44
N TYR A 336 -17.75 0.81 14.38
CA TYR A 336 -18.63 -0.26 14.80
C TYR A 336 -18.18 -0.76 16.17
N PRO A 337 -18.90 -0.46 17.24
CA PRO A 337 -18.51 -0.99 18.55
C PRO A 337 -19.01 -2.41 18.79
N LEU A 338 -18.17 -3.40 18.48
CA LEU A 338 -18.49 -4.77 18.82
C LEU A 338 -18.40 -4.94 20.34
N VAL A 339 -19.52 -5.29 20.96
CA VAL A 339 -19.59 -5.43 22.41
C VAL A 339 -19.60 -6.92 22.76
N HIS A 340 -18.56 -7.35 23.47
CA HIS A 340 -18.55 -8.67 24.07
C HIS A 340 -19.07 -8.65 25.50
N GLN A 341 -18.78 -7.58 26.23
CA GLN A 341 -19.28 -7.43 27.60
C GLN A 341 -19.30 -5.94 27.94
N CYS A 342 -20.48 -5.36 28.00
CA CYS A 342 -20.67 -3.97 28.37
C CYS A 342 -21.69 -3.87 29.50
N GLY A 343 -21.83 -2.68 30.04
CA GLY A 343 -22.70 -2.44 31.18
C GLY A 343 -24.16 -2.77 30.94
N ASP A 344 -24.79 -2.09 29.99
CA ASP A 344 -26.21 -2.23 29.72
C ASP A 344 -26.48 -2.61 28.26
N LEU A 345 -25.51 -3.25 27.60
CA LEU A 345 -25.62 -3.60 26.19
C LEU A 345 -25.37 -5.09 26.02
N ALA A 346 -26.29 -5.76 25.32
CA ALA A 346 -26.14 -7.18 25.04
C ALA A 346 -24.99 -7.41 24.07
N ALA A 347 -24.49 -8.64 24.06
CA ALA A 347 -23.39 -9.01 23.19
C ALA A 347 -23.82 -8.97 21.73
N GLY A 348 -22.93 -8.48 20.88
CA GLY A 348 -23.22 -8.37 19.46
C GLY A 348 -22.45 -7.21 18.86
N LEU A 349 -22.66 -7.03 17.56
CA LEU A 349 -22.03 -5.96 16.81
C LEU A 349 -22.99 -4.80 16.63
N TYR A 350 -22.49 -3.59 16.84
CA TYR A 350 -23.29 -2.38 16.71
C TYR A 350 -22.56 -1.39 15.81
N HIS A 351 -23.27 -0.34 15.42
CA HIS A 351 -22.74 0.73 14.60
C HIS A 351 -23.07 2.06 15.27
N TYR A 352 -22.09 2.96 15.32
CA TYR A 352 -22.22 4.22 16.03
C TYR A 352 -22.56 5.33 15.05
N GLN A 353 -23.66 6.04 15.31
CA GLN A 353 -24.04 7.20 14.52
C GLN A 353 -23.64 8.45 15.27
N PRO A 354 -22.73 9.27 14.74
CA PRO A 354 -22.17 10.38 15.52
C PRO A 354 -23.03 11.64 15.51
N LEU A 355 -23.88 11.85 14.50
CA LEU A 355 -24.70 13.04 14.48
C LEU A 355 -25.85 12.94 15.48
N SER A 356 -26.57 11.82 15.47
CA SER A 356 -27.59 11.57 16.48
C SER A 356 -27.01 11.00 17.77
N HIS A 357 -25.74 10.58 17.75
CA HIS A 357 -25.08 9.99 18.92
C HIS A 357 -25.85 8.76 19.41
N THR A 358 -25.98 7.79 18.52
CA THR A 358 -26.79 6.60 18.79
C THR A 358 -26.02 5.34 18.43
N LEU A 359 -26.57 4.20 18.85
CA LEU A 359 -26.03 2.89 18.52
C LEU A 359 -27.12 2.05 17.86
N HIS A 360 -26.80 1.45 16.72
CA HIS A 360 -27.75 0.66 15.96
C HIS A 360 -27.21 -0.75 15.79
N PRO A 361 -27.98 -1.79 16.14
CA PRO A 361 -27.47 -3.16 16.03
C PRO A 361 -27.26 -3.57 14.58
N VAL A 362 -26.27 -4.43 14.38
CA VAL A 362 -25.97 -5.00 13.07
C VAL A 362 -26.09 -6.52 13.07
N ALA A 363 -25.63 -7.16 14.14
CA ALA A 363 -25.76 -8.61 14.30
C ALA A 363 -25.66 -8.93 15.78
N ASP A 364 -26.29 -10.04 16.17
CA ASP A 364 -26.27 -10.48 17.56
C ASP A 364 -25.07 -11.40 17.79
N TRP A 365 -25.01 -12.04 18.95
CA TRP A 365 -23.86 -12.85 19.35
C TRP A 365 -23.86 -14.15 18.55
N THR A 366 -23.39 -14.06 17.32
CA THR A 366 -23.19 -15.22 16.46
C THR A 366 -21.76 -15.73 16.60
N PRO A 367 -21.52 -17.00 16.29
CA PRO A 367 -20.15 -17.54 16.40
C PRO A 367 -19.12 -16.78 15.58
N GLU A 368 -19.54 -16.01 14.57
CA GLU A 368 -18.58 -15.22 13.82
C GLU A 368 -18.19 -13.94 14.56
N VAL A 369 -19.15 -13.31 15.24
CA VAL A 369 -18.81 -12.23 16.16
C VAL A 369 -17.86 -12.74 17.24
N GLU A 370 -18.11 -13.95 17.75
CA GLU A 370 -17.22 -14.56 18.72
C GLU A 370 -15.85 -14.84 18.11
N SER A 371 -15.80 -15.19 16.82
CA SER A 371 -14.51 -15.38 16.15
C SER A 371 -13.75 -14.07 16.07
N LEU A 372 -14.44 -12.97 15.79
CA LEU A 372 -13.78 -11.66 15.79
C LEU A 372 -13.26 -11.31 17.18
N VAL A 373 -14.06 -11.59 18.21
CA VAL A 373 -13.61 -11.34 19.59
C VAL A 373 -12.37 -12.17 19.91
N TYR A 374 -12.37 -13.43 19.49
CA TYR A 374 -11.24 -14.32 19.73
C TYR A 374 -9.99 -13.83 19.01
N ASP A 375 -10.15 -13.36 17.77
CA ASP A 375 -9.02 -12.80 17.03
C ASP A 375 -8.45 -11.57 17.74
N ALA A 376 -9.33 -10.66 18.18
CA ALA A 376 -8.86 -9.47 18.87
C ALA A 376 -8.18 -9.83 20.19
N TRP A 377 -8.72 -10.82 20.91
CA TRP A 377 -8.16 -11.23 22.19
C TRP A 377 -6.77 -11.85 22.01
N ARG A 378 -6.59 -12.64 20.95
CA ARG A 378 -5.27 -13.19 20.67
C ARG A 378 -4.30 -12.11 20.22
N ALA A 379 -4.79 -11.13 19.43
CA ALA A 379 -3.93 -10.07 18.96
C ALA A 379 -3.54 -9.08 20.05
N THR A 380 -4.29 -9.05 21.14
CA THR A 380 -3.97 -8.18 22.27
C THR A 380 -3.14 -8.87 23.36
N GLY A 381 -2.75 -10.11 23.15
CA GLY A 381 -1.93 -10.83 24.10
C GLY A 381 -2.66 -11.69 25.09
N GLN A 382 -3.96 -11.93 24.90
CA GLN A 382 -4.76 -12.79 25.76
C GLN A 382 -4.74 -12.29 27.21
N GLN A 383 -4.93 -10.99 27.38
CA GLN A 383 -4.95 -10.37 28.70
C GLN A 383 -6.41 -10.27 29.17
N SER A 384 -6.77 -11.09 30.15
CA SER A 384 -8.12 -11.12 30.74
C SER A 384 -9.12 -11.42 29.61
N ILE A 385 -10.26 -10.74 29.57
CA ILE A 385 -11.23 -10.93 28.48
C ILE A 385 -11.55 -9.55 27.93
N PRO A 386 -11.70 -9.38 26.61
CA PRO A 386 -11.98 -8.05 26.07
C PRO A 386 -13.41 -7.63 26.37
N GLN A 387 -13.58 -6.32 26.62
CA GLN A 387 -14.88 -5.77 26.98
C GLN A 387 -15.58 -5.12 25.78
N ILE A 388 -14.93 -4.17 25.12
CA ILE A 388 -15.46 -3.56 23.91
C ILE A 388 -14.35 -3.49 22.87
N VAL A 389 -14.68 -3.73 21.61
CA VAL A 389 -13.74 -3.63 20.51
C VAL A 389 -14.35 -2.73 19.44
N LEU A 390 -13.77 -1.55 19.27
CA LEU A 390 -14.19 -0.63 18.22
C LEU A 390 -13.49 -1.00 16.92
N ILE A 391 -14.27 -1.28 15.87
CA ILE A 391 -13.74 -1.54 14.55
C ILE A 391 -13.95 -0.30 13.71
N ILE A 392 -12.85 0.29 13.24
CA ILE A 392 -12.87 1.48 12.41
C ILE A 392 -12.84 1.03 10.95
N THR A 393 -13.86 1.42 10.19
CA THR A 393 -13.96 1.12 8.78
C THR A 393 -13.98 2.41 7.98
N ALA A 394 -13.68 2.30 6.69
CA ALA A 394 -13.58 3.45 5.80
C ALA A 394 -14.52 3.27 4.62
N ARG A 395 -15.50 4.16 4.51
CA ARG A 395 -16.36 4.22 3.33
C ARG A 395 -15.55 4.88 2.21
N PHE A 396 -14.94 4.05 1.37
CA PHE A 396 -13.90 4.53 0.45
C PHE A 396 -14.45 5.55 -0.54
N GLY A 397 -15.67 5.35 -1.02
CA GLY A 397 -16.23 6.23 -2.04
C GLY A 397 -16.32 7.69 -1.63
N ARG A 398 -16.25 7.98 -0.33
CA ARG A 398 -16.30 9.36 0.13
C ARG A 398 -14.97 10.07 -0.08
N LEU A 399 -13.85 9.35 -0.06
CA LEU A 399 -12.53 9.95 -0.14
C LEU A 399 -11.79 9.65 -1.43
N PHE A 400 -12.12 8.55 -2.12
CA PHE A 400 -11.34 8.12 -3.27
C PHE A 400 -11.42 9.10 -4.44
N TRP A 401 -12.50 9.88 -4.53
CA TRP A 401 -12.67 10.76 -5.68
C TRP A 401 -11.65 11.88 -5.70
N LYS A 402 -11.29 12.40 -4.53
CA LYS A 402 -10.41 13.57 -4.47
C LYS A 402 -8.94 13.18 -4.59
N TYR A 403 -8.55 12.06 -3.96
CA TYR A 403 -7.16 11.62 -3.95
C TYR A 403 -7.08 10.26 -4.63
N HIS A 404 -6.28 10.18 -5.68
CA HIS A 404 -6.18 8.95 -6.45
C HIS A 404 -5.20 7.97 -5.82
N ASP A 405 -3.97 8.42 -5.54
CA ASP A 405 -2.93 7.54 -5.06
C ASP A 405 -2.75 7.57 -3.55
N ILE A 406 -3.03 8.70 -2.89
CA ILE A 406 -2.66 8.86 -1.48
C ILE A 406 -3.88 8.62 -0.61
N ALA A 407 -4.92 8.04 -1.22
CA ALA A 407 -6.18 7.88 -0.52
C ALA A 407 -6.05 6.90 0.64
N TYR A 408 -5.49 5.71 0.37
CA TYR A 408 -5.38 4.70 1.42
C TYR A 408 -4.38 5.10 2.50
N SER A 409 -3.30 5.78 2.12
CA SER A 409 -2.36 6.29 3.12
C SER A 409 -3.03 7.34 4.00
N LEU A 410 -3.87 8.19 3.41
CA LEU A 410 -4.64 9.14 4.20
C LEU A 410 -5.58 8.42 5.15
N ILE A 411 -6.20 7.33 4.70
CA ILE A 411 -7.10 6.58 5.56
C ILE A 411 -6.34 5.97 6.74
N LEU A 412 -5.15 5.43 6.48
CA LEU A 412 -4.37 4.85 7.56
C LEU A 412 -3.89 5.91 8.55
N LYS A 413 -3.52 7.09 8.05
CA LYS A 413 -3.15 8.18 8.94
C LYS A 413 -4.33 8.65 9.77
N HIS A 414 -5.54 8.64 9.18
CA HIS A 414 -6.74 8.97 9.94
C HIS A 414 -7.00 7.94 11.02
N VAL A 415 -6.78 6.66 10.71
CA VAL A 415 -6.91 5.61 11.71
C VAL A 415 -5.93 5.84 12.85
N GLY A 416 -4.71 6.28 12.53
CA GLY A 416 -3.74 6.59 13.57
C GLY A 416 -4.16 7.78 14.43
N VAL A 417 -4.69 8.83 13.79
CA VAL A 417 -5.20 9.97 14.54
C VAL A 417 -6.30 9.53 15.49
N LEU A 418 -7.21 8.68 15.02
CA LEU A 418 -8.29 8.19 15.86
C LEU A 418 -7.76 7.30 16.98
N TYR A 419 -6.70 6.54 16.71
CA TYR A 419 -6.07 5.74 17.77
C TYR A 419 -5.53 6.65 18.87
N GLN A 420 -4.83 7.71 18.49
CA GLN A 420 -4.27 8.61 19.49
C GLN A 420 -5.37 9.33 20.28
N THR A 421 -6.44 9.73 19.59
CA THR A 421 -7.57 10.36 20.29
C THR A 421 -8.21 9.40 21.27
N PHE A 422 -8.43 8.15 20.84
CA PHE A 422 -8.96 7.13 21.74
C PHE A 422 -8.06 6.95 22.96
N TYR A 423 -6.76 6.84 22.72
CA TYR A 423 -5.81 6.67 23.83
C TYR A 423 -5.92 7.83 24.83
N LEU A 424 -5.89 9.06 24.34
CA LEU A 424 -5.89 10.21 25.24
C LEU A 424 -7.21 10.32 26.00
N VAL A 425 -8.34 10.13 25.32
CA VAL A 425 -9.64 10.27 25.99
C VAL A 425 -9.84 9.14 26.98
N ALA A 426 -9.42 7.92 26.64
CA ALA A 426 -9.54 6.80 27.58
C ALA A 426 -8.62 6.98 28.79
N THR A 427 -7.45 7.57 28.58
CA THR A 427 -6.59 7.91 29.73
C THR A 427 -7.27 8.94 30.62
N ALA A 428 -7.89 9.96 30.01
CA ALA A 428 -8.59 10.96 30.79
C ALA A 428 -9.83 10.41 31.49
N MET A 429 -10.40 9.30 30.99
CA MET A 429 -11.59 8.71 31.56
C MET A 429 -11.31 7.44 32.36
N GLN A 430 -10.03 7.18 32.69
CA GLN A 430 -9.64 6.02 33.48
C GLN A 430 -10.12 4.71 32.84
N LEU A 431 -10.01 4.63 31.53
CA LEU A 431 -10.37 3.43 30.78
C LEU A 431 -9.11 2.62 30.48
N ALA A 432 -9.28 1.54 29.73
CA ALA A 432 -8.19 0.62 29.37
C ALA A 432 -8.08 0.54 27.86
N PRO A 433 -7.33 1.44 27.23
CA PRO A 433 -7.22 1.44 25.77
C PRO A 433 -6.06 0.61 25.26
N SER A 434 -6.21 0.11 24.04
CA SER A 434 -5.13 -0.62 23.38
C SER A 434 -5.44 -0.75 21.89
N ALA A 435 -4.58 -0.20 21.04
CA ALA A 435 -4.75 -0.37 19.60
C ALA A 435 -4.47 -1.81 19.21
N ILE A 436 -4.86 -2.16 17.98
CA ILE A 436 -4.62 -3.50 17.43
C ILE A 436 -3.98 -3.35 16.06
N GLY A 437 -3.00 -4.22 15.78
CA GLY A 437 -2.21 -4.05 14.57
C GLY A 437 -2.99 -4.35 13.30
N ALA A 438 -3.72 -5.47 13.28
CA ALA A 438 -4.48 -5.85 12.11
C ALA A 438 -5.62 -6.77 12.50
N GLY A 439 -6.57 -6.92 11.59
CA GLY A 439 -7.70 -7.80 11.79
C GLY A 439 -8.13 -8.39 10.45
N ASN A 440 -9.23 -9.15 10.50
CA ASN A 440 -9.77 -9.81 9.32
C ASN A 440 -10.89 -8.94 8.74
N THR A 441 -10.61 -8.33 7.58
CA THR A 441 -11.60 -7.47 6.94
C THR A 441 -12.70 -8.28 6.27
N THR A 442 -12.39 -9.46 5.75
CA THR A 442 -13.41 -10.27 5.10
C THR A 442 -14.37 -10.89 6.10
N LYS A 443 -13.90 -11.19 7.30
CA LYS A 443 -14.82 -11.68 8.34
C LYS A 443 -15.82 -10.60 8.74
N PHE A 444 -15.35 -9.36 8.85
CA PHE A 444 -16.27 -8.26 9.15
C PHE A 444 -17.22 -8.00 7.99
N CYS A 445 -16.72 -8.11 6.75
CA CYS A 445 -17.59 -7.99 5.59
C CYS A 445 -18.64 -9.09 5.56
N GLN A 446 -18.30 -10.29 6.04
CA GLN A 446 -19.28 -11.35 6.14
C GLN A 446 -20.28 -11.09 7.27
N ILE A 447 -19.83 -10.47 8.36
CA ILE A 447 -20.72 -10.17 9.47
C ILE A 447 -21.77 -9.15 9.06
N ALA A 448 -21.34 -8.01 8.52
CA ALA A 448 -22.22 -6.91 8.15
C ALA A 448 -22.38 -6.86 6.64
N GLY A 449 -23.62 -6.75 6.18
CA GLY A 449 -23.90 -6.75 4.75
C GLY A 449 -23.34 -5.55 4.01
N LEU A 450 -22.02 -5.48 3.88
CA LEU A 450 -21.35 -4.38 3.20
C LEU A 450 -20.43 -4.91 2.11
N ASN A 451 -20.32 -4.13 1.03
CA ASN A 451 -19.41 -4.46 -0.05
C ASN A 451 -17.99 -4.13 0.39
N PRO A 452 -17.06 -5.09 0.40
CA PRO A 452 -15.69 -4.78 0.84
C PRO A 452 -14.95 -3.83 -0.10
N ASP A 453 -15.45 -3.63 -1.32
CA ASP A 453 -14.90 -2.65 -2.23
C ASP A 453 -15.51 -1.27 -2.06
N GLU A 454 -16.40 -1.10 -1.08
CA GLU A 454 -17.09 0.17 -0.87
C GLU A 454 -16.93 0.61 0.57
N GLU A 455 -16.75 -0.36 1.47
CA GLU A 455 -16.51 -0.10 2.90
C GLU A 455 -15.91 -1.35 3.51
N ALA A 456 -14.75 -1.21 4.15
CA ALA A 456 -14.06 -2.35 4.73
C ALA A 456 -13.31 -1.91 5.98
N SER A 457 -13.16 -2.85 6.93
CA SER A 457 -12.51 -2.55 8.20
C SER A 457 -11.03 -2.25 7.98
N VAL A 458 -10.55 -1.22 8.64
CA VAL A 458 -9.18 -0.79 8.39
C VAL A 458 -8.46 -0.59 9.73
N GLY A 459 -9.18 -0.75 10.84
CA GLY A 459 -8.55 -0.56 12.13
C GLY A 459 -9.33 -1.20 13.25
N GLU A 460 -8.62 -1.50 14.35
CA GLU A 460 -9.23 -2.12 15.52
C GLU A 460 -8.63 -1.52 16.79
N PHE A 461 -9.51 -1.32 17.78
CA PHE A 461 -9.13 -0.76 19.07
C PHE A 461 -9.89 -1.52 20.15
N SER A 462 -9.25 -1.74 21.30
CA SER A 462 -9.86 -2.44 22.43
C SER A 462 -9.99 -1.48 23.61
N LEU A 463 -11.16 -1.47 24.23
CA LEU A 463 -11.51 -0.52 25.28
C LEU A 463 -12.22 -1.26 26.40
N GLY A 464 -11.89 -0.87 27.63
CA GLY A 464 -12.49 -1.44 28.80
C GLY A 464 -12.26 -0.57 30.01
N ALA A 465 -12.33 -1.18 31.18
CA ALA A 465 -12.15 -0.49 32.45
C ALA A 465 -10.82 -0.91 33.09
N ALA A 466 -10.13 0.05 33.68
CA ALA A 466 -8.87 -0.18 34.36
C ALA A 466 -9.10 -0.34 35.85
N LYS A 467 -8.34 -1.24 36.47
CA LYS A 467 -8.53 -1.52 37.89
C LYS A 467 -7.92 -0.40 38.74
N PRO A 468 -8.55 -0.05 39.87
CA PRO A 468 -8.05 0.98 40.78
C PRO A 468 -6.66 0.66 41.34
N ASP B 2 -13.05 -32.90 -12.47
CA ASP B 2 -13.58 -32.53 -13.78
C ASP B 2 -12.64 -31.59 -14.50
N LEU B 3 -12.12 -32.05 -15.65
CA LEU B 3 -11.19 -31.32 -16.51
C LEU B 3 -10.09 -30.60 -15.73
N PHE B 4 -9.67 -31.17 -14.60
CA PHE B 4 -8.61 -30.60 -13.79
C PHE B 4 -7.89 -31.73 -13.06
N THR B 5 -6.59 -31.53 -12.83
CA THR B 5 -5.77 -32.45 -12.05
C THR B 5 -5.65 -31.92 -10.64
N LEU B 6 -6.02 -32.73 -9.66
CA LEU B 6 -6.10 -32.32 -8.27
C LEU B 6 -4.84 -32.70 -7.52
N SER B 7 -4.26 -31.74 -6.81
CA SER B 7 -3.07 -31.95 -6.01
C SER B 7 -3.24 -31.29 -4.65
N PHE B 8 -2.68 -31.91 -3.62
CA PHE B 8 -2.70 -31.32 -2.30
C PHE B 8 -1.78 -30.10 -2.23
N SER B 9 -2.12 -29.16 -1.35
CA SER B 9 -1.28 -27.99 -1.17
C SER B 9 0.07 -28.41 -0.60
N PRO B 10 1.16 -27.74 -0.98
CA PRO B 10 2.49 -28.17 -0.52
C PRO B 10 2.67 -28.10 0.99
N ASP B 11 1.97 -27.17 1.66
CA ASP B 11 2.13 -27.02 3.10
C ASP B 11 1.47 -28.13 3.90
N LEU B 12 0.63 -28.95 3.27
CA LEU B 12 -0.09 -30.00 3.97
C LEU B 12 0.84 -31.17 4.29
N SER B 13 0.79 -31.63 5.53
CA SER B 13 1.57 -32.78 5.98
C SER B 13 0.62 -33.97 6.15
N ILE B 14 1.03 -35.13 5.64
CA ILE B 14 0.22 -36.34 5.68
C ILE B 14 0.86 -37.30 6.67
N ALA B 15 0.22 -37.49 7.82
CA ALA B 15 0.68 -38.41 8.85
C ALA B 15 -0.10 -39.72 8.71
N SER B 16 0.62 -40.79 8.38
CA SER B 16 0.02 -42.10 8.11
C SER B 16 0.21 -43.00 9.32
N GLU B 17 -0.90 -43.43 9.91
CA GLU B 17 -0.90 -44.35 11.03
C GLU B 17 -1.63 -45.62 10.64
N ALA B 18 -1.39 -46.70 11.39
CA ALA B 18 -1.96 -48.00 11.07
C ALA B 18 -3.49 -47.98 11.14
N GLU B 19 -4.07 -47.11 11.96
CA GLU B 19 -5.53 -47.06 12.09
C GLU B 19 -6.09 -45.64 12.11
N GLN B 20 -5.26 -44.62 11.87
CA GLN B 20 -5.75 -43.25 11.74
C GLN B 20 -4.94 -42.53 10.68
N LEU B 21 -5.42 -41.36 10.28
CA LEU B 21 -4.78 -40.59 9.23
C LEU B 21 -4.95 -39.11 9.55
N THR B 22 -3.86 -38.34 9.47
CA THR B 22 -3.87 -36.94 9.83
C THR B 22 -3.42 -36.09 8.65
N LEU B 23 -4.12 -34.98 8.42
CA LEU B 23 -3.75 -33.98 7.44
C LEU B 23 -3.54 -32.66 8.17
N GLN B 24 -2.30 -32.21 8.25
CA GLN B 24 -1.91 -31.08 9.09
C GLN B 24 -1.60 -29.87 8.22
N SER B 25 -2.21 -28.73 8.57
CA SER B 25 -1.89 -27.44 8.00
C SER B 25 -1.40 -26.52 9.12
N LYS B 26 -1.19 -25.25 8.78
CA LYS B 26 -0.73 -24.29 9.78
C LYS B 26 -1.85 -23.90 10.75
N ASP B 27 -3.01 -23.55 10.22
CA ASP B 27 -4.10 -23.06 11.07
C ASP B 27 -4.87 -24.20 11.71
N ASP B 28 -5.19 -25.24 10.95
CA ASP B 28 -6.01 -26.33 11.46
C ASP B 28 -5.53 -27.66 10.89
N ARG B 29 -6.05 -28.74 11.47
CA ARG B 29 -5.72 -30.10 11.05
C ARG B 29 -6.99 -30.93 11.02
N LEU B 30 -6.96 -32.01 10.26
CA LEU B 30 -8.10 -32.90 10.11
C LEU B 30 -7.63 -34.34 10.29
N ILE B 31 -8.21 -35.03 11.27
CA ILE B 31 -7.86 -36.40 11.58
C ILE B 31 -9.07 -37.28 11.29
N LEU B 32 -8.83 -38.49 10.78
CA LEU B 32 -9.89 -39.45 10.51
C LEU B 32 -9.43 -40.83 10.92
N GLU B 33 -10.30 -41.56 11.63
CA GLU B 33 -9.97 -42.85 12.20
C GLU B 33 -10.45 -43.99 11.30
N HIS B 34 -9.78 -45.13 11.42
CA HIS B 34 -10.08 -46.37 10.72
C HIS B 34 -10.42 -46.14 9.24
N PRO B 35 -9.47 -45.63 8.46
CA PRO B 35 -9.75 -45.42 7.03
C PRO B 35 -9.56 -46.71 6.25
N GLN B 36 -10.56 -47.05 5.44
CA GLN B 36 -10.45 -48.22 4.59
C GLN B 36 -9.39 -47.98 3.51
N PRO B 37 -8.73 -49.04 3.03
CA PRO B 37 -7.80 -48.88 1.91
C PRO B 37 -8.49 -48.31 0.69
N GLY B 38 -7.70 -47.78 -0.23
CA GLY B 38 -8.30 -47.08 -1.37
C GLY B 38 -8.60 -45.64 -1.05
N LEU B 39 -9.32 -45.38 0.04
CA LEU B 39 -9.39 -44.02 0.57
C LEU B 39 -8.01 -43.53 0.96
N ARG B 40 -7.24 -44.37 1.67
CA ARG B 40 -5.85 -44.06 1.94
C ARG B 40 -5.05 -43.97 0.64
N THR B 41 -5.34 -44.87 -0.31
CA THR B 41 -4.65 -44.81 -1.60
C THR B 41 -5.02 -43.54 -2.36
N ALA B 42 -6.29 -43.14 -2.32
CA ALA B 42 -6.70 -41.91 -2.99
C ALA B 42 -6.04 -40.69 -2.35
N LEU B 43 -5.93 -40.67 -1.02
CA LEU B 43 -5.27 -39.56 -0.36
C LEU B 43 -3.77 -39.53 -0.68
N GLU B 44 -3.15 -40.71 -0.77
CA GLU B 44 -1.73 -40.76 -1.13
C GLU B 44 -1.52 -40.26 -2.55
N GLN B 45 -2.39 -40.65 -3.48
CA GLN B 45 -2.26 -40.16 -4.85
C GLN B 45 -2.64 -38.69 -4.99
N LEU B 46 -3.47 -38.17 -4.09
CA LEU B 46 -3.70 -36.73 -4.04
C LEU B 46 -2.45 -36.01 -3.55
N LYS B 47 -1.73 -36.62 -2.60
CA LYS B 47 -0.43 -36.08 -2.21
C LYS B 47 0.54 -36.12 -3.37
N GLN B 48 0.48 -37.17 -4.20
CA GLN B 48 1.21 -37.17 -5.46
C GLN B 48 0.67 -36.10 -6.40
N GLY B 49 -0.65 -35.97 -6.48
CA GLY B 49 -1.28 -34.86 -7.15
C GLY B 49 -1.18 -34.82 -8.66
N ASN B 50 -1.52 -35.92 -9.32
CA ASN B 50 -1.54 -35.94 -10.78
C ASN B 50 -2.76 -36.69 -11.32
N LEU B 51 -3.84 -36.81 -10.54
CA LEU B 51 -5.02 -37.55 -10.95
C LEU B 51 -6.25 -36.64 -10.95
N THR B 52 -7.24 -37.05 -11.73
CA THR B 52 -8.53 -36.38 -11.79
C THR B 52 -9.43 -36.88 -10.67
N LEU B 53 -10.49 -36.12 -10.40
CA LEU B 53 -11.47 -36.54 -9.40
C LEU B 53 -12.09 -37.88 -9.77
N ALA B 54 -12.33 -38.10 -11.07
CA ALA B 54 -12.86 -39.37 -11.52
C ALA B 54 -11.85 -40.50 -11.27
N GLN B 55 -10.56 -40.22 -11.47
CA GLN B 55 -9.54 -41.23 -11.23
C GLN B 55 -9.42 -41.56 -9.75
N LEU B 56 -9.48 -40.55 -8.89
CA LEU B 56 -9.44 -40.81 -7.44
C LEU B 56 -10.68 -41.58 -6.99
N THR B 57 -11.85 -41.25 -7.55
CA THR B 57 -13.06 -41.98 -7.21
C THR B 57 -12.97 -43.43 -7.68
N GLU B 58 -12.36 -43.65 -8.84
CA GLU B 58 -12.16 -45.02 -9.31
C GLU B 58 -11.19 -45.77 -8.41
N LEU B 59 -10.15 -45.09 -7.93
CA LEU B 59 -9.24 -45.72 -6.97
C LEU B 59 -9.95 -46.12 -5.69
N VAL B 60 -10.85 -45.26 -5.20
CA VAL B 60 -11.62 -45.59 -4.01
C VAL B 60 -12.55 -46.77 -4.28
N SER B 61 -13.20 -46.77 -5.45
CA SER B 61 -14.17 -47.81 -5.76
C SER B 61 -13.51 -49.16 -5.99
N GLU B 62 -12.27 -49.17 -6.50
CA GLU B 62 -11.60 -50.44 -6.77
C GLU B 62 -11.38 -51.26 -5.51
N GLN B 63 -11.16 -50.60 -4.37
CA GLN B 63 -10.85 -51.28 -3.13
C GLN B 63 -11.98 -51.27 -2.11
N ASP B 64 -12.88 -50.28 -2.17
CA ASP B 64 -13.89 -50.11 -1.13
C ASP B 64 -15.32 -50.33 -1.61
N GLY B 65 -15.59 -50.12 -2.89
CA GLY B 65 -16.93 -50.26 -3.44
C GLY B 65 -17.43 -48.95 -4.03
N VAL B 66 -18.59 -49.07 -4.69
CA VAL B 66 -19.15 -47.93 -5.41
C VAL B 66 -19.71 -46.89 -4.43
N GLU B 67 -20.41 -47.36 -3.40
CA GLU B 67 -20.96 -46.44 -2.41
C GLU B 67 -19.85 -45.66 -1.72
N ALA B 68 -18.75 -46.32 -1.39
CA ALA B 68 -17.62 -45.63 -0.79
C ALA B 68 -16.98 -44.65 -1.77
N GLY B 69 -16.99 -44.97 -3.05
CA GLY B 69 -16.48 -44.02 -4.03
C GLY B 69 -17.33 -42.76 -4.11
N ILE B 70 -18.65 -42.93 -4.08
CA ILE B 70 -19.54 -41.77 -4.05
C ILE B 70 -19.34 -40.96 -2.76
N THR B 71 -19.16 -41.66 -1.64
CA THR B 71 -18.92 -40.98 -0.37
C THR B 71 -17.62 -40.19 -0.42
N PHE B 72 -16.58 -40.74 -1.06
CA PHE B 72 -15.33 -40.00 -1.20
C PHE B 72 -15.49 -38.80 -2.12
N ALA B 73 -16.25 -38.95 -3.20
CA ALA B 73 -16.52 -37.82 -4.08
C ALA B 73 -17.22 -36.70 -3.31
N SER B 74 -18.11 -37.06 -2.40
CA SER B 74 -18.74 -36.05 -1.54
C SER B 74 -17.76 -35.50 -0.51
N GLU B 75 -16.83 -36.33 -0.03
CA GLU B 75 -15.88 -35.89 0.99
C GLU B 75 -14.86 -34.91 0.44
N LEU B 76 -14.53 -35.04 -0.85
CA LEU B 76 -13.42 -34.27 -1.41
C LEU B 76 -13.69 -32.76 -1.37
N GLU B 77 -14.94 -32.35 -1.58
CA GLU B 77 -15.25 -30.92 -1.56
C GLU B 77 -15.04 -30.30 -0.19
N LYS B 78 -15.08 -31.11 0.87
CA LYS B 78 -14.75 -30.60 2.20
C LYS B 78 -13.29 -30.15 2.26
N LEU B 79 -12.38 -30.94 1.70
CA LEU B 79 -10.99 -30.53 1.62
C LEU B 79 -10.79 -29.39 0.62
N VAL B 80 -11.59 -29.37 -0.45
CA VAL B 80 -11.52 -28.28 -1.41
C VAL B 80 -11.89 -26.95 -0.75
N ASP B 81 -12.87 -26.99 0.15
CA ASP B 81 -13.33 -25.76 0.80
C ASP B 81 -12.25 -25.16 1.70
N LEU B 82 -11.46 -26.02 2.36
CA LEU B 82 -10.42 -25.53 3.25
C LEU B 82 -9.24 -24.92 2.51
N GLY B 83 -9.16 -25.09 1.20
CA GLY B 83 -8.03 -24.57 0.45
C GLY B 83 -6.82 -25.46 0.45
N TRP B 84 -7.01 -26.78 0.56
CA TRP B 84 -5.92 -27.74 0.61
C TRP B 84 -5.65 -28.41 -0.73
N ILE B 85 -6.46 -28.13 -1.75
CA ILE B 85 -6.38 -28.85 -3.02
C ILE B 85 -6.12 -27.85 -4.14
N CYS B 86 -5.04 -28.09 -4.89
CA CYS B 86 -4.69 -27.27 -6.03
C CYS B 86 -5.28 -27.85 -7.31
N HIS B 87 -5.64 -26.97 -8.24
CA HIS B 87 -6.25 -27.39 -9.50
C HIS B 87 -5.33 -26.99 -10.65
N SER B 88 -4.93 -27.96 -11.46
CA SER B 88 -3.89 -27.72 -12.46
C SER B 88 -4.34 -28.17 -13.84
N VAL B 89 -3.85 -27.44 -14.85
CA VAL B 89 -3.91 -27.88 -16.24
C VAL B 89 -2.46 -28.17 -16.63
N LEU B 90 -2.13 -29.47 -16.68
CA LEU B 90 -0.75 -29.89 -16.89
C LEU B 90 -0.43 -29.96 -18.38
N PRO B 91 0.78 -29.54 -18.78
CA PRO B 91 1.75 -28.87 -17.91
C PRO B 91 1.78 -27.37 -18.14
N LEU B 92 0.63 -26.70 -17.97
CA LEU B 92 0.50 -25.29 -18.34
C LEU B 92 0.41 -24.37 -17.13
N ILE B 93 -0.46 -24.66 -16.17
CA ILE B 93 -0.69 -23.73 -15.06
C ILE B 93 -1.22 -24.52 -13.86
N THR B 94 -0.99 -23.98 -12.67
CA THR B 94 -1.45 -24.62 -11.43
C THR B 94 -1.99 -23.56 -10.48
N ALA B 95 -3.26 -23.66 -10.13
CA ALA B 95 -3.88 -22.78 -9.15
C ALA B 95 -3.72 -23.37 -7.75
N ILE B 96 -3.03 -22.66 -6.88
CA ILE B 96 -2.90 -23.04 -5.48
C ILE B 96 -3.75 -22.09 -4.64
N PRO B 97 -4.50 -22.58 -3.67
CA PRO B 97 -5.33 -21.70 -2.84
C PRO B 97 -4.49 -20.90 -1.87
N ILE B 98 -4.96 -19.69 -1.57
CA ILE B 98 -4.31 -18.80 -0.60
C ILE B 98 -5.26 -18.32 0.48
N ALA B 99 -6.52 -18.77 0.49
CA ALA B 99 -7.48 -18.34 1.49
C ALA B 99 -8.47 -19.45 1.75
N LYS B 100 -8.93 -19.53 3.00
CA LYS B 100 -9.93 -20.52 3.38
C LYS B 100 -11.28 -20.17 2.75
N ASP B 101 -12.25 -21.04 2.95
CA ASP B 101 -13.55 -20.96 2.28
C ASP B 101 -13.34 -20.89 0.76
N TYR B 102 -12.47 -21.77 0.27
CA TYR B 102 -12.09 -21.77 -1.13
C TYR B 102 -13.22 -22.29 -2.00
N GLU B 103 -13.32 -21.75 -3.22
CA GLU B 103 -14.35 -22.15 -4.15
C GLU B 103 -13.84 -21.99 -5.57
N LEU B 104 -13.96 -23.05 -6.37
CA LEU B 104 -13.65 -23.01 -7.79
C LEU B 104 -14.93 -23.27 -8.58
N ASN B 105 -15.17 -22.46 -9.59
CA ASN B 105 -16.42 -22.49 -10.35
C ASN B 105 -16.11 -22.51 -11.84
N VAL B 106 -16.19 -23.68 -12.45
CA VAL B 106 -16.01 -23.82 -13.89
C VAL B 106 -17.13 -23.05 -14.58
N PRO B 107 -16.81 -22.02 -15.36
CA PRO B 107 -17.86 -21.18 -15.95
C PRO B 107 -18.63 -21.93 -17.04
N ASP B 108 -19.82 -21.40 -17.33
CA ASP B 108 -20.63 -21.96 -18.39
C ASP B 108 -19.95 -21.75 -19.74
N SER B 109 -20.28 -22.63 -20.69
CA SER B 109 -19.67 -22.58 -22.02
C SER B 109 -19.88 -21.23 -22.71
N SER B 110 -20.85 -20.44 -22.25
CA SER B 110 -21.12 -19.14 -22.87
C SER B 110 -19.91 -18.21 -22.81
N TRP B 111 -18.89 -18.54 -22.01
CA TRP B 111 -17.69 -17.71 -21.98
C TRP B 111 -16.98 -17.73 -23.33
N GLN B 112 -17.17 -18.79 -24.11
CA GLN B 112 -16.49 -18.89 -25.40
C GLN B 112 -17.03 -17.89 -26.41
N THR B 113 -18.30 -17.49 -26.27
CA THR B 113 -18.92 -16.53 -27.17
C THR B 113 -19.19 -15.20 -26.50
N THR B 114 -18.62 -14.94 -25.34
CA THR B 114 -18.79 -13.70 -24.61
C THR B 114 -17.46 -12.95 -24.55
N ALA B 115 -17.54 -11.62 -24.67
CA ALA B 115 -16.34 -10.80 -24.61
C ALA B 115 -15.74 -10.84 -23.21
N ILE B 116 -14.44 -11.08 -23.13
CA ILE B 116 -13.72 -11.19 -21.87
C ILE B 116 -12.44 -10.37 -21.95
N ALA B 117 -11.83 -10.14 -20.78
CA ALA B 117 -10.58 -9.41 -20.70
C ALA B 117 -9.91 -9.75 -19.38
N LEU B 118 -8.59 -9.59 -19.36
CA LEU B 118 -7.83 -9.85 -18.14
C LEU B 118 -8.11 -8.75 -17.12
N SER B 119 -8.35 -9.15 -15.87
CA SER B 119 -8.56 -8.18 -14.82
C SER B 119 -7.36 -7.27 -14.67
N ARG B 120 -7.62 -5.96 -14.55
CA ARG B 120 -6.53 -5.01 -14.38
C ARG B 120 -5.84 -5.13 -13.04
N PHE B 121 -6.39 -5.93 -12.12
CA PHE B 121 -5.76 -6.18 -10.83
C PHE B 121 -4.92 -7.46 -10.84
N ALA B 122 -4.93 -8.21 -11.93
CA ALA B 122 -4.06 -9.38 -12.06
C ALA B 122 -2.69 -8.94 -12.55
N PHE B 123 -1.65 -9.50 -11.93
CA PHE B 123 -0.28 -9.12 -12.24
C PHE B 123 0.61 -10.35 -12.23
N LEU B 124 1.56 -10.38 -13.16
CA LEU B 124 2.55 -11.44 -13.29
C LEU B 124 3.86 -10.98 -12.64
N HIS B 125 4.46 -11.86 -11.84
CA HIS B 125 5.72 -11.55 -11.19
C HIS B 125 6.43 -12.84 -10.85
N GLN B 126 7.70 -12.73 -10.48
CA GLN B 126 8.50 -13.88 -10.10
C GLN B 126 8.39 -14.08 -8.59
N ASP B 127 7.75 -15.17 -8.17
CA ASP B 127 7.58 -15.42 -6.74
C ASP B 127 8.91 -15.75 -6.10
N LEU B 128 9.57 -16.79 -6.59
CA LEU B 128 10.94 -17.09 -6.20
C LEU B 128 11.75 -17.40 -7.46
N GLN B 129 11.66 -18.65 -7.93
CA GLN B 129 12.26 -19.05 -9.20
C GLN B 129 11.21 -19.40 -10.24
N GLN B 130 9.97 -18.95 -10.05
CA GLN B 130 8.89 -19.29 -10.96
C GLN B 130 7.95 -18.10 -11.15
N LEU B 131 7.42 -18.01 -12.37
CA LEU B 131 6.47 -16.96 -12.73
C LEU B 131 5.10 -17.29 -12.19
N VAL B 132 4.42 -16.27 -11.64
CA VAL B 132 3.15 -16.45 -10.95
C VAL B 132 2.23 -15.28 -11.31
N LEU B 133 0.96 -15.60 -11.53
CA LEU B 133 -0.10 -14.62 -11.70
C LEU B 133 -0.88 -14.53 -10.40
N GLU B 134 -0.99 -13.31 -9.86
CA GLU B 134 -1.72 -13.07 -8.63
C GLU B 134 -2.70 -11.93 -8.82
N SER B 135 -3.67 -11.85 -7.91
CA SER B 135 -4.65 -10.77 -7.96
C SER B 135 -5.28 -10.60 -6.59
N PRO B 136 -5.48 -9.38 -6.12
CA PRO B 136 -6.20 -9.19 -4.85
C PRO B 136 -7.65 -9.58 -4.93
N ARG B 137 -8.24 -9.60 -6.13
CA ARG B 137 -9.61 -10.02 -6.34
C ARG B 137 -9.78 -11.53 -6.36
N SER B 138 -8.69 -12.28 -6.25
CA SER B 138 -8.72 -13.74 -6.40
C SER B 138 -8.25 -14.40 -5.12
N LYS B 139 -8.89 -15.52 -4.78
CA LYS B 139 -8.46 -16.38 -3.68
C LYS B 139 -7.48 -17.45 -4.14
N SER B 140 -6.92 -17.32 -5.34
CA SER B 140 -6.01 -18.31 -5.90
C SER B 140 -4.71 -17.65 -6.33
N LYS B 141 -3.70 -18.48 -6.55
CA LYS B 141 -2.38 -18.05 -6.99
C LYS B 141 -1.93 -18.98 -8.11
N LEU B 142 -1.66 -18.43 -9.29
CA LEU B 142 -1.46 -19.22 -10.49
C LEU B 142 0.03 -19.35 -10.80
N VAL B 143 0.60 -20.52 -10.53
CA VAL B 143 1.96 -20.82 -10.95
C VAL B 143 1.94 -21.15 -12.43
N ILE B 144 2.74 -20.42 -13.22
CA ILE B 144 2.81 -20.61 -14.66
C ILE B 144 3.92 -21.63 -14.94
N LEU B 145 3.53 -22.81 -15.43
CA LEU B 145 4.50 -23.87 -15.69
C LEU B 145 5.04 -23.85 -17.12
N ASP B 146 4.40 -23.11 -18.02
CA ASP B 146 4.77 -23.11 -19.43
C ASP B 146 4.71 -21.67 -19.94
N TRP B 147 5.78 -21.24 -20.60
CA TRP B 147 5.87 -19.86 -21.08
C TRP B 147 4.80 -19.53 -22.11
N ARG B 148 4.24 -20.54 -22.78
CA ARG B 148 3.17 -20.27 -23.75
C ARG B 148 1.92 -19.73 -23.07
N VAL B 149 1.71 -20.08 -21.80
CA VAL B 149 0.64 -19.45 -21.04
C VAL B 149 0.92 -17.97 -20.84
N GLY B 150 2.18 -17.63 -20.56
CA GLY B 150 2.55 -16.22 -20.51
C GLY B 150 2.33 -15.54 -21.84
N ALA B 151 2.58 -16.24 -22.94
CA ALA B 151 2.32 -15.68 -24.27
C ALA B 151 0.84 -15.43 -24.47
N VAL B 152 -0.01 -16.36 -24.03
CA VAL B 152 -1.46 -16.17 -24.14
C VAL B 152 -1.90 -14.96 -23.33
N ILE B 153 -1.42 -14.85 -22.09
CA ILE B 153 -1.78 -13.71 -21.25
C ILE B 153 -1.31 -12.41 -21.88
N ALA B 154 -0.12 -12.40 -22.46
CA ALA B 154 0.38 -11.21 -23.12
C ALA B 154 -0.44 -10.86 -24.34
N LYS B 155 -0.89 -11.86 -25.10
CA LYS B 155 -1.69 -11.60 -26.29
C LYS B 155 -3.05 -11.01 -25.92
N LEU B 156 -3.68 -11.54 -24.86
CA LEU B 156 -5.03 -11.07 -24.54
C LEU B 156 -5.02 -9.78 -23.72
N ALA B 157 -3.95 -9.53 -22.96
CA ALA B 157 -3.82 -8.23 -22.31
C ALA B 157 -3.50 -7.15 -23.32
N GLN B 158 -2.69 -7.49 -24.33
CA GLN B 158 -2.43 -6.59 -25.45
C GLN B 158 -3.63 -6.46 -26.37
N SER B 159 -4.58 -7.40 -26.29
CA SER B 159 -5.74 -7.40 -27.15
C SER B 159 -6.64 -6.20 -26.86
N ASP B 160 -7.63 -6.00 -27.73
CA ASP B 160 -8.56 -4.89 -27.60
C ASP B 160 -9.47 -5.11 -26.39
N ARG B 161 -10.41 -4.17 -26.19
CA ARG B 161 -11.32 -4.26 -25.06
C ARG B 161 -12.15 -5.54 -25.10
N GLY B 162 -12.66 -5.90 -26.28
CA GLY B 162 -13.41 -7.14 -26.39
C GLY B 162 -12.65 -8.32 -26.96
N PHE B 163 -12.50 -9.39 -26.18
CA PHE B 163 -11.86 -10.62 -26.67
C PHE B 163 -12.92 -11.72 -26.66
N ILE B 164 -13.26 -12.23 -27.85
CA ILE B 164 -14.22 -13.32 -27.99
C ILE B 164 -13.43 -14.57 -28.34
N PHE B 165 -13.54 -15.59 -27.50
CA PHE B 165 -12.75 -16.80 -27.70
C PHE B 165 -13.13 -17.50 -29.00
N ALA B 166 -14.42 -17.56 -29.31
CA ALA B 166 -14.88 -18.29 -30.48
C ALA B 166 -14.32 -17.73 -31.78
N THR B 167 -14.10 -16.41 -31.83
CA THR B 167 -13.59 -15.77 -33.04
C THR B 167 -12.08 -15.57 -33.03
N SER B 168 -11.47 -15.43 -31.85
CA SER B 168 -10.04 -15.12 -31.77
C SER B 168 -9.18 -16.31 -31.41
N ALA B 169 -9.77 -17.48 -31.14
CA ALA B 169 -8.97 -18.64 -30.77
C ALA B 169 -8.12 -19.16 -31.92
N ASP B 170 -8.51 -18.86 -33.17
CA ASP B 170 -7.74 -19.34 -34.31
C ASP B 170 -6.38 -18.65 -34.38
N SER B 171 -6.32 -17.36 -34.05
CA SER B 171 -5.05 -16.67 -34.03
C SER B 171 -4.12 -17.24 -32.97
N LEU B 172 -4.68 -17.62 -31.81
CA LEU B 172 -3.86 -18.22 -30.76
C LEU B 172 -3.38 -19.61 -31.16
N LEU B 173 -4.25 -20.40 -31.81
CA LEU B 173 -3.84 -21.70 -32.31
C LEU B 173 -2.83 -21.60 -33.45
N ALA B 174 -2.80 -20.48 -34.17
CA ALA B 174 -1.85 -20.32 -35.26
C ALA B 174 -0.50 -19.83 -34.75
N ASP B 175 -0.50 -18.88 -33.81
CA ASP B 175 0.77 -18.35 -33.32
C ASP B 175 1.46 -19.28 -32.34
N LEU B 176 0.69 -20.11 -31.62
CA LEU B 176 1.24 -21.00 -30.60
C LEU B 176 0.88 -22.44 -30.93
N SER B 177 1.68 -23.36 -30.38
CA SER B 177 1.50 -24.78 -30.60
C SER B 177 0.55 -25.43 -29.60
N LEU B 178 -0.18 -24.64 -28.82
CA LEU B 178 -1.12 -25.20 -27.86
C LEU B 178 -2.33 -25.80 -28.56
N GLU B 179 -2.77 -26.95 -28.08
CA GLU B 179 -3.99 -27.55 -28.59
C GLU B 179 -5.21 -26.75 -28.15
N LEU B 180 -6.32 -26.94 -28.86
CA LEU B 180 -7.53 -26.19 -28.56
C LEU B 180 -8.10 -26.55 -27.20
N GLU B 181 -8.09 -27.84 -26.85
CA GLU B 181 -8.62 -28.23 -25.55
C GLU B 181 -7.75 -27.71 -24.42
N GLU B 182 -6.43 -27.69 -24.61
CA GLU B 182 -5.55 -27.08 -23.63
C GLU B 182 -5.87 -25.60 -23.43
N LEU B 183 -6.11 -24.89 -24.54
CA LEU B 183 -6.44 -23.47 -24.45
C LEU B 183 -7.76 -23.26 -23.74
N LYS B 184 -8.75 -24.12 -24.01
CA LYS B 184 -10.04 -23.99 -23.34
C LYS B 184 -9.92 -24.27 -21.85
N ARG B 185 -9.16 -25.30 -21.48
CA ARG B 185 -8.93 -25.57 -20.06
C ARG B 185 -8.23 -24.41 -19.38
N LEU B 186 -7.22 -23.83 -20.04
CA LEU B 186 -6.48 -22.71 -19.47
C LEU B 186 -7.40 -21.51 -19.24
N PHE B 187 -8.20 -21.16 -20.26
CA PHE B 187 -9.11 -20.02 -20.13
C PHE B 187 -10.18 -20.30 -19.08
N ALA B 188 -10.65 -21.55 -18.98
CA ALA B 188 -11.64 -21.89 -17.97
C ALA B 188 -11.07 -21.70 -16.57
N LEU B 189 -9.84 -22.17 -16.34
CA LEU B 189 -9.22 -21.98 -15.02
C LEU B 189 -8.96 -20.50 -14.75
N LEU B 190 -8.56 -19.74 -15.77
CA LEU B 190 -8.35 -18.30 -15.60
C LEU B 190 -9.63 -17.61 -15.16
N ILE B 191 -10.74 -17.91 -15.83
CA ILE B 191 -12.02 -17.31 -15.46
C ILE B 191 -12.45 -17.76 -14.07
N ALA B 192 -12.25 -19.04 -13.76
CA ALA B 192 -12.69 -19.56 -12.48
C ALA B 192 -11.90 -19.00 -11.31
N THR B 193 -10.63 -18.64 -11.54
CA THR B 193 -9.79 -18.07 -10.50
C THR B 193 -9.87 -16.55 -10.44
N GLN B 194 -10.95 -15.96 -10.93
CA GLN B 194 -11.21 -14.52 -10.81
C GLN B 194 -10.11 -13.67 -11.44
N MET B 195 -9.43 -14.22 -12.44
CA MET B 195 -8.43 -13.47 -13.19
C MET B 195 -9.01 -12.82 -14.44
N MET B 196 -10.23 -13.19 -14.84
CA MET B 196 -10.87 -12.68 -16.05
C MET B 196 -12.14 -11.94 -15.69
N ASP B 197 -12.51 -10.99 -16.55
CA ASP B 197 -13.73 -10.21 -16.40
C ASP B 197 -14.74 -10.69 -17.44
N LEU B 198 -15.80 -11.35 -16.97
CA LEU B 198 -16.92 -11.66 -17.86
C LEU B 198 -17.77 -10.43 -18.11
N GLU B 199 -17.96 -9.60 -17.07
CA GLU B 199 -18.70 -8.35 -17.17
C GLU B 199 -17.80 -7.23 -17.67
N PRO B 200 -18.37 -6.19 -18.28
CA PRO B 200 -17.53 -5.12 -18.83
C PRO B 200 -16.82 -4.29 -17.77
N GLU B 201 -17.54 -3.88 -16.73
CA GLU B 201 -16.97 -3.00 -15.71
C GLU B 201 -17.86 -3.04 -14.48
N ASP B 202 -17.28 -2.65 -13.35
CA ASP B 202 -17.99 -2.57 -12.08
C ASP B 202 -17.80 -1.19 -11.47
N GLU B 203 -18.89 -0.61 -10.96
CA GLU B 203 -18.83 0.75 -10.44
C GLU B 203 -18.11 0.82 -9.10
N THR B 204 -18.13 -0.28 -8.33
CA THR B 204 -17.55 -0.24 -6.99
C THR B 204 -16.03 -0.33 -7.04
N ILE B 205 -15.47 -1.12 -7.96
CA ILE B 205 -14.03 -1.30 -8.05
C ILE B 205 -13.35 -0.31 -8.99
N THR B 206 -14.14 0.49 -9.74
CA THR B 206 -13.53 1.46 -10.64
C THR B 206 -12.76 2.53 -9.87
N GLN B 207 -13.22 2.86 -8.66
CA GLN B 207 -12.53 3.87 -7.86
C GLN B 207 -11.18 3.37 -7.35
N TRP B 208 -11.05 2.07 -7.15
CA TRP B 208 -9.83 1.53 -6.57
C TRP B 208 -8.66 1.58 -7.56
N LYS B 209 -7.50 1.96 -7.07
CA LYS B 209 -6.25 1.86 -7.82
C LYS B 209 -5.57 0.53 -7.52
N PHE B 210 -4.67 0.14 -8.43
CA PHE B 210 -4.01 -1.16 -8.30
C PHE B 210 -3.23 -1.27 -7.00
N HIS B 211 -2.32 -0.32 -6.76
CA HIS B 211 -1.49 -0.39 -5.56
C HIS B 211 -2.31 -0.29 -4.29
N ASN B 212 -3.35 0.56 -4.31
CA ASN B 212 -4.20 0.72 -3.13
C ASN B 212 -4.90 -0.59 -2.79
N LEU B 213 -5.53 -1.23 -3.79
CA LEU B 213 -6.25 -2.46 -3.53
C LEU B 213 -5.31 -3.58 -3.13
N LEU B 214 -4.14 -3.66 -3.77
CA LEU B 214 -3.17 -4.68 -3.41
C LEU B 214 -2.71 -4.51 -1.96
N PHE B 215 -2.37 -3.28 -1.57
CA PHE B 215 -1.93 -3.01 -0.21
C PHE B 215 -3.03 -3.31 0.80
N HIS B 216 -4.27 -2.93 0.47
CA HIS B 216 -5.39 -3.19 1.38
C HIS B 216 -5.62 -4.68 1.56
N HIS B 217 -5.55 -5.45 0.47
CA HIS B 217 -5.81 -6.88 0.58
C HIS B 217 -4.68 -7.60 1.29
N TYR B 218 -3.44 -7.15 1.10
CA TYR B 218 -2.31 -7.83 1.71
C TYR B 218 -2.13 -7.46 3.18
N THR B 219 -2.42 -6.22 3.56
CA THR B 219 -2.22 -5.82 4.96
C THR B 219 -3.36 -6.26 5.86
N ARG B 220 -4.58 -6.31 5.34
CA ARG B 220 -5.74 -6.69 6.12
C ARG B 220 -6.01 -8.19 6.13
N LEU B 221 -5.00 -8.98 5.75
CA LEU B 221 -5.07 -10.46 5.73
C LEU B 221 -6.41 -11.01 5.25
N LEU B 232 8.79 -17.72 15.88
CA LEU B 232 9.25 -16.46 16.47
C LEU B 232 10.38 -15.84 15.65
N PRO B 233 10.21 -14.58 15.26
CA PRO B 233 11.27 -13.87 14.55
C PRO B 233 12.34 -13.37 15.51
N VAL B 234 13.51 -13.08 14.94
CA VAL B 234 14.65 -12.59 15.69
C VAL B 234 15.21 -11.36 15.00
N PHE B 235 15.50 -10.32 15.77
CA PHE B 235 16.11 -9.10 15.25
C PHE B 235 17.59 -9.38 15.01
N GLU B 236 17.88 -9.98 13.85
CA GLU B 236 19.26 -10.34 13.54
C GLU B 236 20.11 -9.11 13.24
N HIS B 237 19.51 -8.05 12.71
CA HIS B 237 20.22 -6.82 12.38
C HIS B 237 20.05 -5.76 13.47
N ARG B 238 19.94 -6.21 14.73
CA ARG B 238 19.77 -5.27 15.84
C ARG B 238 20.95 -4.31 15.96
N ASP B 239 22.16 -4.80 15.70
CA ASP B 239 23.33 -3.94 15.76
C ASP B 239 23.34 -2.90 14.65
N ARG B 240 22.68 -3.20 13.52
CA ARG B 240 22.65 -2.25 12.41
C ARG B 240 21.69 -1.10 12.68
N TYR B 241 20.54 -1.39 13.29
CA TYR B 241 19.50 -0.40 13.52
C TYR B 241 19.32 -0.14 15.01
N PRO B 242 19.94 0.89 15.56
CA PRO B 242 19.80 1.17 17.00
C PRO B 242 18.49 1.89 17.30
N TYR B 243 18.24 2.07 18.61
CA TYR B 243 17.01 2.69 19.05
C TYR B 243 16.95 4.17 18.65
N VAL B 244 18.08 4.87 18.78
CA VAL B 244 18.21 6.24 18.29
C VAL B 244 19.18 6.23 17.12
N LYS B 245 18.93 7.07 16.14
CA LYS B 245 19.79 7.12 14.96
C LYS B 245 21.15 7.69 15.34
N PRO B 246 22.24 7.15 14.80
CA PRO B 246 23.56 7.73 15.07
C PRO B 246 23.62 9.21 14.68
N VAL B 247 24.44 9.96 15.40
CA VAL B 247 24.50 11.41 15.21
C VAL B 247 25.00 11.72 13.81
N ILE B 248 24.23 12.52 13.08
CA ILE B 248 24.60 12.88 11.71
C ILE B 248 25.80 13.83 11.72
N SER B 249 25.64 14.99 12.35
CA SER B 249 26.71 15.96 12.51
C SER B 249 26.89 16.27 13.99
N THR B 250 28.15 16.31 14.44
CA THR B 250 28.41 16.48 15.86
C THR B 250 28.13 17.89 16.36
N GLN B 251 28.07 18.87 15.45
CA GLN B 251 27.69 20.22 15.84
C GLN B 251 26.22 20.22 16.23
N ALA B 252 25.94 20.35 17.53
CA ALA B 252 24.59 20.23 18.05
C ALA B 252 24.16 21.54 18.70
N ILE B 253 22.92 21.94 18.44
CA ILE B 253 22.29 23.09 19.08
C ILE B 253 21.36 22.57 20.17
N PRO B 254 21.51 23.01 21.41
CA PRO B 254 20.66 22.50 22.48
C PRO B 254 19.25 23.09 22.43
N LEU B 255 18.31 22.30 22.93
CA LEU B 255 16.91 22.71 23.01
C LEU B 255 16.47 22.75 24.48
N VAL B 256 15.55 23.67 24.78
CA VAL B 256 15.13 23.85 26.16
C VAL B 256 14.26 22.67 26.60
N LYS B 257 14.33 22.37 27.89
CA LYS B 257 13.52 21.31 28.49
C LYS B 257 12.52 21.92 29.46
N PRO B 258 11.23 21.94 29.12
CA PRO B 258 10.26 22.53 30.04
C PRO B 258 9.95 21.62 31.22
N ASP B 259 9.64 22.24 32.35
CA ASP B 259 9.23 21.51 33.54
C ASP B 259 7.82 20.97 33.33
N LEU B 260 7.70 19.66 33.13
CA LEU B 260 6.41 19.06 32.83
C LEU B 260 5.49 18.99 34.05
N THR B 261 6.04 19.08 35.26
CA THR B 261 5.18 19.05 36.45
C THR B 261 4.34 20.32 36.55
N ALA B 262 4.93 21.47 36.25
CA ALA B 262 4.16 22.72 36.25
C ALA B 262 3.23 22.80 35.05
N LEU B 263 3.68 22.28 33.90
CA LEU B 263 2.83 22.27 32.71
C LEU B 263 1.67 21.28 32.85
N ALA B 264 1.78 20.30 33.74
CA ALA B 264 0.67 19.40 34.01
C ALA B 264 -0.51 20.10 34.67
N THR B 265 -0.32 21.34 35.14
CA THR B 265 -1.40 22.14 35.69
C THR B 265 -1.62 23.46 34.96
N THR B 266 -0.60 23.98 34.27
CA THR B 266 -0.76 25.23 33.53
C THR B 266 -1.37 25.02 32.16
N ASP B 267 -1.07 23.89 31.52
CA ASP B 267 -1.46 23.66 30.13
C ASP B 267 -2.98 23.54 30.00
N MET B 268 -3.43 23.50 28.75
CA MET B 268 -4.85 23.38 28.46
C MET B 268 -5.40 22.03 28.91
N THR B 269 -6.69 22.01 29.20
CA THR B 269 -7.38 20.76 29.47
C THR B 269 -7.46 19.94 28.18
N LEU B 270 -7.33 18.62 28.33
CA LEU B 270 -7.43 17.72 27.18
C LEU B 270 -8.74 17.93 26.44
N THR B 271 -9.85 18.04 27.18
CA THR B 271 -11.14 18.27 26.55
C THR B 271 -11.15 19.60 25.80
N GLU B 272 -10.64 20.65 26.43
CA GLU B 272 -10.61 21.96 25.78
C GLU B 272 -9.72 21.93 24.54
N ALA B 273 -8.55 21.28 24.64
CA ALA B 273 -7.64 21.22 23.50
C ALA B 273 -8.26 20.43 22.35
N ILE B 274 -8.98 19.35 22.65
CA ILE B 274 -9.61 18.57 21.59
C ILE B 274 -10.76 19.35 20.96
N GLU B 275 -11.52 20.09 21.76
CA GLU B 275 -12.66 20.82 21.24
C GLU B 275 -12.28 22.11 20.52
N THR B 276 -11.10 22.65 20.79
CA THR B 276 -10.70 23.92 20.20
C THR B 276 -9.62 23.79 19.13
N ARG B 277 -9.10 22.58 18.90
CA ARG B 277 -8.03 22.41 17.93
C ARG B 277 -8.53 22.69 16.51
N ARG B 278 -7.75 23.46 15.76
CA ARG B 278 -8.06 23.76 14.37
C ARG B 278 -6.76 23.89 13.59
N SER B 279 -6.85 23.61 12.29
CA SER B 279 -5.68 23.71 11.41
C SER B 279 -5.48 25.16 11.03
N ILE B 280 -4.36 25.74 11.46
CA ILE B 280 -4.04 27.14 11.22
C ILE B 280 -2.90 27.20 10.22
N ARG B 281 -3.18 27.80 9.05
CA ARG B 281 -2.20 27.89 7.98
C ARG B 281 -1.69 29.31 7.74
N GLU B 282 -2.37 30.32 8.26
CA GLU B 282 -1.91 31.70 8.17
C GLU B 282 -1.07 32.02 9.41
N TYR B 283 0.24 32.06 9.23
CA TYR B 283 1.14 32.26 10.37
C TYR B 283 1.26 33.74 10.72
N SER B 284 1.59 33.99 11.98
CA SER B 284 1.78 35.36 12.46
C SER B 284 3.08 35.94 11.90
N ASP B 285 3.27 37.24 12.11
CA ASP B 285 4.49 37.89 11.64
C ASP B 285 5.69 37.49 12.49
N GLN B 286 5.49 37.32 13.79
CA GLN B 286 6.56 36.86 14.67
C GLN B 286 6.76 35.36 14.49
N PRO B 287 7.90 34.93 13.97
CA PRO B 287 8.09 33.49 13.71
C PRO B 287 8.16 32.70 15.00
N ILE B 288 7.96 31.39 14.86
CA ILE B 288 8.06 30.48 16.00
C ILE B 288 9.50 30.46 16.50
N THR B 289 9.68 30.62 17.81
CA THR B 289 11.01 30.70 18.38
C THR B 289 11.63 29.31 18.51
N LEU B 290 12.93 29.29 18.81
CA LEU B 290 13.61 28.01 19.02
C LEU B 290 13.19 27.37 20.34
N ALA B 291 12.87 28.18 21.35
CA ALA B 291 12.38 27.63 22.61
C ALA B 291 11.01 26.98 22.43
N GLN B 292 10.15 27.58 21.61
CA GLN B 292 8.86 26.96 21.32
C GLN B 292 9.04 25.63 20.59
N LEU B 293 9.95 25.57 19.62
CA LEU B 293 10.21 24.32 18.92
C LEU B 293 10.79 23.27 19.86
N GLY B 294 11.66 23.69 20.77
CA GLY B 294 12.21 22.76 21.74
C GLY B 294 11.15 22.19 22.68
N GLU B 295 10.29 23.07 23.20
CA GLU B 295 9.19 22.60 24.04
C GLU B 295 8.26 21.67 23.27
N PHE B 296 7.97 22.00 22.01
CA PHE B 296 7.11 21.17 21.18
C PHE B 296 7.70 19.77 21.00
N LEU B 297 8.98 19.71 20.60
CA LEU B 297 9.64 18.42 20.39
C LEU B 297 9.78 17.64 21.70
N TYR B 298 9.98 18.34 22.82
CA TYR B 298 10.11 17.66 24.10
C TYR B 298 8.79 17.07 24.55
N ARG B 299 7.69 17.77 24.28
CA ARG B 299 6.37 17.27 24.68
C ARG B 299 5.80 16.26 23.71
N CYS B 300 6.31 16.21 22.47
CA CYS B 300 5.76 15.33 21.44
C CYS B 300 6.57 14.04 21.27
N ALA B 301 7.85 14.15 20.95
CA ALA B 301 8.62 12.99 20.50
C ALA B 301 9.94 12.84 21.26
N ARG B 302 9.95 13.19 22.55
CA ARG B 302 11.16 12.99 23.34
C ARG B 302 11.28 11.52 23.76
N VAL B 303 12.43 11.17 24.30
CA VAL B 303 12.66 9.86 24.91
C VAL B 303 12.51 10.03 26.42
N LYS B 304 11.54 9.32 26.99
CA LYS B 304 11.31 9.43 28.44
C LYS B 304 12.29 8.56 29.22
N ALA B 305 12.60 7.36 28.72
CA ALA B 305 13.51 6.47 29.40
C ALA B 305 14.01 5.42 28.40
N VAL B 306 15.19 4.89 28.68
CA VAL B 306 15.79 3.81 27.89
C VAL B 306 15.79 2.55 28.75
N TYR B 307 15.24 1.47 28.21
CA TYR B 307 15.09 0.22 28.95
C TYR B 307 15.54 -0.95 28.10
N THR B 308 15.67 -2.10 28.76
CA THR B 308 15.97 -3.36 28.10
C THR B 308 15.15 -4.46 28.76
N LEU B 309 14.41 -5.20 27.96
CA LEU B 309 13.55 -6.25 28.51
C LEU B 309 14.40 -7.33 29.17
N PRO B 310 14.02 -7.79 30.36
CA PRO B 310 14.85 -8.79 31.05
C PRO B 310 14.88 -10.13 30.34
N GLU B 311 13.81 -10.50 29.62
CA GLU B 311 13.74 -11.79 28.93
C GLU B 311 13.06 -11.54 27.57
N ASP B 312 13.87 -11.16 26.58
CA ASP B 312 13.36 -10.93 25.24
C ASP B 312 13.94 -11.98 24.29
N PRO B 313 13.11 -12.90 23.77
CA PRO B 313 13.65 -13.90 22.83
C PRO B 313 13.93 -13.35 21.45
N MET B 314 13.41 -12.17 21.12
CA MET B 314 13.61 -11.57 19.80
C MET B 314 14.89 -10.72 19.72
N GLN B 315 15.67 -10.67 20.80
CA GLN B 315 16.92 -9.91 20.84
C GLN B 315 16.68 -8.45 20.48
N VAL B 316 15.64 -7.86 21.06
CA VAL B 316 15.32 -6.47 20.80
C VAL B 316 16.41 -5.56 21.38
N GLY B 317 17.00 -5.94 22.51
CA GLY B 317 18.02 -5.11 23.11
C GLY B 317 17.40 -3.91 23.78
N GLU B 318 17.91 -2.73 23.44
CA GLU B 318 17.42 -1.48 24.01
C GLU B 318 16.25 -0.94 23.21
N SER B 319 15.21 -0.51 23.93
CA SER B 319 14.06 0.14 23.33
C SER B 319 13.72 1.38 24.13
N THR B 320 13.18 2.39 23.44
CA THR B 320 12.86 3.67 24.05
C THR B 320 11.35 3.80 24.23
N THR B 321 10.96 4.62 25.20
CA THR B 321 9.57 5.00 25.40
C THR B 321 9.40 6.47 25.03
N ARG B 322 8.30 6.78 24.35
CA ARG B 322 8.05 8.12 23.84
C ARG B 322 6.58 8.45 24.08
N PRO B 323 6.22 9.74 24.06
CA PRO B 323 4.84 10.12 24.37
C PRO B 323 3.79 9.49 23.46
N TYR B 324 4.17 8.93 22.32
CA TYR B 324 3.23 8.29 21.41
C TYR B 324 3.42 6.79 21.40
N PRO B 325 2.39 6.03 21.04
CA PRO B 325 2.52 4.57 20.97
C PRO B 325 3.02 4.09 19.62
N SER B 326 3.50 2.84 19.62
CA SER B 326 3.95 2.17 18.41
C SER B 326 3.81 0.67 18.60
N GLY B 327 3.52 -0.02 17.49
CA GLY B 327 3.33 -1.45 17.52
C GLY B 327 4.57 -2.23 17.94
N GLY B 328 4.52 -2.83 19.12
CA GLY B 328 5.64 -3.62 19.59
C GLY B 328 6.86 -2.78 19.91
N ALA B 329 6.64 -1.56 20.41
CA ALA B 329 7.72 -0.60 20.69
C ALA B 329 8.48 -0.38 19.39
N LEU B 330 9.81 -0.46 19.38
CA LEU B 330 10.61 -0.36 18.15
C LEU B 330 10.34 0.96 17.43
N TYR B 331 10.43 2.06 18.19
CA TYR B 331 10.15 3.40 17.66
C TYR B 331 11.08 3.73 16.50
N GLU B 332 10.53 3.79 15.29
CA GLU B 332 11.30 3.93 14.06
C GLU B 332 11.15 5.31 13.43
N LEU B 333 10.55 6.26 14.13
CA LEU B 333 10.26 7.58 13.56
C LEU B 333 11.33 8.57 13.97
N GLU B 334 11.96 9.20 12.98
CA GLU B 334 12.86 10.32 13.18
C GLU B 334 12.19 11.59 12.70
N ILE B 335 12.50 12.70 13.37
CA ILE B 335 11.89 13.99 13.05
C ILE B 335 12.98 14.90 12.53
N TYR B 336 12.81 15.38 11.29
CA TYR B 336 13.72 16.34 10.69
C TYR B 336 13.03 17.69 10.63
N PRO B 337 13.36 18.63 11.51
CA PRO B 337 12.70 19.95 11.47
C PRO B 337 13.31 20.89 10.45
N LEU B 338 12.89 20.78 9.20
CA LEU B 338 13.33 21.69 8.16
C LEU B 338 12.89 23.10 8.50
N VAL B 339 13.84 23.99 8.77
CA VAL B 339 13.56 25.36 9.15
C VAL B 339 13.75 26.26 7.93
N HIS B 340 12.70 26.97 7.56
CA HIS B 340 12.79 28.05 6.59
C HIS B 340 12.83 29.42 7.27
N GLN B 341 12.08 29.61 8.35
CA GLN B 341 12.04 30.87 9.07
C GLN B 341 11.89 30.56 10.56
N CYS B 342 12.97 30.76 11.32
CA CYS B 342 12.94 30.58 12.76
C CYS B 342 13.67 31.75 13.41
N GLY B 343 13.30 32.02 14.66
CA GLY B 343 13.86 33.18 15.34
C GLY B 343 15.33 33.05 15.66
N ASP B 344 15.75 31.87 16.12
CA ASP B 344 17.12 31.63 16.59
C ASP B 344 17.87 30.64 15.71
N LEU B 345 17.44 30.44 14.47
CA LEU B 345 18.07 29.44 13.61
C LEU B 345 18.01 29.90 12.17
N ALA B 346 19.03 29.52 11.39
CA ALA B 346 19.09 29.85 9.99
C ALA B 346 18.31 28.83 9.15
N ALA B 347 18.06 29.18 7.90
CA ALA B 347 17.29 28.33 7.01
C ALA B 347 18.08 27.07 6.63
N GLY B 348 17.40 25.95 6.61
CA GLY B 348 18.04 24.70 6.25
C GLY B 348 17.28 23.51 6.84
N LEU B 349 17.81 22.33 6.54
CA LEU B 349 17.25 21.08 7.01
C LEU B 349 18.08 20.53 8.16
N TYR B 350 17.42 20.19 9.26
CA TYR B 350 18.05 19.70 10.48
C TYR B 350 17.46 18.35 10.86
N HIS B 351 18.07 17.71 11.85
CA HIS B 351 17.61 16.43 12.37
C HIS B 351 17.52 16.51 13.89
N TYR B 352 16.46 15.92 14.45
CA TYR B 352 16.19 15.99 15.88
C TYR B 352 16.52 14.65 16.54
N GLN B 353 17.32 14.72 17.62
CA GLN B 353 17.64 13.54 18.41
C GLN B 353 16.78 13.54 19.66
N PRO B 354 15.98 12.50 19.89
CA PRO B 354 15.01 12.53 20.98
C PRO B 354 15.60 12.24 22.35
N LEU B 355 16.71 11.49 22.40
CA LEU B 355 17.30 11.14 23.69
C LEU B 355 18.10 12.31 24.28
N SER B 356 18.91 12.97 23.47
CA SER B 356 19.70 14.10 23.93
C SER B 356 18.94 15.42 23.85
N HIS B 357 17.80 15.45 23.17
CA HIS B 357 17.00 16.67 22.97
C HIS B 357 17.84 17.77 22.31
N THR B 358 18.46 17.41 21.19
CA THR B 358 19.27 18.33 20.41
C THR B 358 18.89 18.19 18.93
N LEU B 359 19.28 19.18 18.14
CA LEU B 359 19.08 19.13 16.70
C LEU B 359 20.42 19.36 16.01
N HIS B 360 20.71 18.53 15.01
CA HIS B 360 21.96 18.58 14.27
C HIS B 360 21.68 18.96 12.82
N PRO B 361 22.42 19.91 12.25
CA PRO B 361 22.14 20.33 10.87
C PRO B 361 22.47 19.23 9.87
N VAL B 362 21.65 19.15 8.82
CA VAL B 362 21.84 18.21 7.73
C VAL B 362 22.19 18.91 6.43
N ALA B 363 21.56 20.06 6.17
CA ALA B 363 21.84 20.80 4.94
C ALA B 363 21.47 22.26 5.16
N ASP B 364 22.12 23.13 4.39
CA ASP B 364 21.87 24.56 4.46
C ASP B 364 20.78 24.94 3.45
N TRP B 365 20.53 26.25 3.31
CA TRP B 365 19.43 26.73 2.47
C TRP B 365 19.84 26.64 1.00
N THR B 366 19.73 25.45 0.45
CA THR B 366 19.91 25.14 -0.96
C THR B 366 18.57 25.10 -1.68
N PRO B 367 18.53 25.41 -2.98
CA PRO B 367 17.26 25.36 -3.72
C PRO B 367 16.55 24.02 -3.67
N GLU B 368 17.21 22.94 -3.22
CA GLU B 368 16.50 21.67 -3.02
C GLU B 368 15.62 21.73 -1.78
N VAL B 369 16.20 22.19 -0.66
CA VAL B 369 15.40 22.45 0.53
C VAL B 369 14.30 23.46 0.21
N GLU B 370 14.60 24.44 -0.65
CA GLU B 370 13.57 25.40 -1.05
C GLU B 370 12.49 24.74 -1.89
N SER B 371 12.84 23.74 -2.70
CA SER B 371 11.83 22.99 -3.44
C SER B 371 10.91 22.24 -2.48
N LEU B 372 11.49 21.64 -1.44
CA LEU B 372 10.65 21.00 -0.42
C LEU B 372 9.74 22.00 0.27
N VAL B 373 10.28 23.18 0.59
CA VAL B 373 9.46 24.22 1.24
C VAL B 373 8.33 24.65 0.33
N TYR B 374 8.62 24.80 -0.97
CA TYR B 374 7.59 25.21 -1.93
C TYR B 374 6.52 24.13 -2.06
N ASP B 375 6.93 22.86 -2.05
CA ASP B 375 5.95 21.77 -2.07
C ASP B 375 5.03 21.85 -0.86
N ALA B 376 5.60 22.04 0.33
CA ALA B 376 4.79 22.15 1.54
C ALA B 376 3.87 23.36 1.47
N TRP B 377 4.38 24.48 0.96
CA TRP B 377 3.58 25.70 0.88
C TRP B 377 2.41 25.54 -0.08
N ARG B 378 2.63 24.89 -1.22
CA ARG B 378 1.54 24.63 -2.16
C ARG B 378 0.54 23.62 -1.59
N ALA B 379 1.03 22.65 -0.82
CA ALA B 379 0.13 21.68 -0.20
C ALA B 379 -0.68 22.28 0.94
N THR B 380 -0.21 23.37 1.54
CA THR B 380 -0.94 24.05 2.61
C THR B 380 -1.93 25.09 2.11
N GLY B 381 -2.04 25.28 0.79
CA GLY B 381 -2.99 26.21 0.23
C GLY B 381 -2.47 27.59 -0.10
N GLN B 382 -1.15 27.81 0.01
CA GLN B 382 -0.53 29.09 -0.31
C GLN B 382 -1.12 30.24 0.52
N GLN B 383 -1.50 29.95 1.76
CA GLN B 383 -2.07 31.00 2.62
C GLN B 383 -0.99 31.91 3.19
N SER B 384 0.12 31.34 3.66
CA SER B 384 1.23 32.14 4.17
C SER B 384 2.50 31.30 4.10
N ILE B 385 3.62 31.98 4.34
CA ILE B 385 4.94 31.35 4.18
C ILE B 385 5.19 30.43 5.37
N PRO B 386 5.58 29.19 5.15
CA PRO B 386 5.82 28.26 6.27
C PRO B 386 7.01 28.69 7.11
N GLN B 387 6.91 28.41 8.41
CA GLN B 387 7.97 28.73 9.35
C GLN B 387 8.84 27.51 9.67
N ILE B 388 8.24 26.41 10.08
CA ILE B 388 8.95 25.15 10.30
C ILE B 388 8.16 24.04 9.64
N VAL B 389 8.85 23.07 9.03
CA VAL B 389 8.24 21.90 8.43
C VAL B 389 8.91 20.69 9.03
N LEU B 390 8.20 19.98 9.90
CA LEU B 390 8.70 18.72 10.43
C LEU B 390 8.46 17.62 9.41
N ILE B 391 9.52 16.88 9.06
CA ILE B 391 9.42 15.76 8.15
C ILE B 391 9.66 14.48 8.97
N ILE B 392 8.65 13.63 9.02
CA ILE B 392 8.71 12.39 9.78
C ILE B 392 9.20 11.29 8.84
N THR B 393 10.32 10.68 9.21
CA THR B 393 11.00 9.68 8.41
C THR B 393 10.99 8.36 9.18
N ALA B 394 10.97 7.25 8.43
CA ALA B 394 10.86 5.92 9.02
C ALA B 394 12.09 5.10 8.67
N ARG B 395 12.85 4.71 9.70
CA ARG B 395 13.96 3.78 9.52
C ARG B 395 13.39 2.37 9.48
N PHE B 396 13.19 1.86 8.26
CA PHE B 396 12.39 0.66 8.07
C PHE B 396 12.98 -0.57 8.76
N GLY B 397 14.31 -0.65 8.85
CA GLY B 397 14.95 -1.81 9.46
C GLY B 397 14.59 -2.03 10.92
N ARG B 398 13.90 -1.07 11.56
CA ARG B 398 13.59 -1.20 12.97
C ARG B 398 12.49 -2.24 13.21
N LEU B 399 11.44 -2.23 12.38
CA LEU B 399 10.30 -3.12 12.59
C LEU B 399 9.99 -4.04 11.41
N PHE B 400 10.68 -3.91 10.28
CA PHE B 400 10.39 -4.76 9.13
C PHE B 400 10.65 -6.24 9.43
N TRP B 401 11.56 -6.52 10.36
CA TRP B 401 11.86 -7.90 10.72
C TRP B 401 10.70 -8.55 11.46
N LYS B 402 9.95 -7.78 12.25
CA LYS B 402 8.91 -8.34 13.10
C LYS B 402 7.59 -8.52 12.36
N TYR B 403 7.29 -7.64 11.40
CA TYR B 403 6.04 -7.69 10.65
C TYR B 403 6.36 -7.83 9.18
N HIS B 404 5.86 -8.90 8.56
CA HIS B 404 6.13 -9.16 7.15
C HIS B 404 5.36 -8.21 6.25
N ASP B 405 4.03 -8.20 6.39
CA ASP B 405 3.16 -7.43 5.51
C ASP B 405 2.58 -6.18 6.15
N ILE B 406 2.48 -6.14 7.48
CA ILE B 406 1.71 -5.10 8.16
C ILE B 406 2.64 -3.99 8.63
N ALA B 407 3.86 -3.97 8.11
CA ALA B 407 4.86 -3.03 8.59
C ALA B 407 4.54 -1.60 8.15
N TYR B 408 4.27 -1.40 6.85
CA TYR B 408 4.07 -0.05 6.35
C TYR B 408 2.77 0.56 6.85
N SER B 409 1.73 -0.25 7.01
CA SER B 409 0.48 0.26 7.58
C SER B 409 0.68 0.69 9.03
N LEU B 410 1.47 -0.08 9.79
CA LEU B 410 1.82 0.33 11.14
C LEU B 410 2.59 1.65 11.14
N ILE B 411 3.51 1.82 10.19
CA ILE B 411 4.26 3.07 10.11
C ILE B 411 3.33 4.23 9.82
N LEU B 412 2.38 4.04 8.90
CA LEU B 412 1.45 5.13 8.57
C LEU B 412 0.54 5.46 9.75
N LYS B 413 0.09 4.44 10.50
CA LYS B 413 -0.72 4.69 11.68
C LYS B 413 0.08 5.43 12.74
N HIS B 414 1.36 5.11 12.89
CA HIS B 414 2.21 5.84 13.82
C HIS B 414 2.39 7.30 13.37
N VAL B 415 2.50 7.51 12.06
CA VAL B 415 2.58 8.88 11.54
C VAL B 415 1.30 9.64 11.87
N GLY B 416 0.15 8.97 11.78
CA GLY B 416 -1.10 9.61 12.15
C GLY B 416 -1.18 9.95 13.63
N VAL B 417 -0.72 9.03 14.47
CA VAL B 417 -0.65 9.30 15.92
C VAL B 417 0.23 10.53 16.17
N LEU B 418 1.38 10.59 15.50
CA LEU B 418 2.27 11.74 15.68
C LEU B 418 1.62 13.02 15.18
N TYR B 419 0.83 12.92 14.11
CA TYR B 419 0.09 14.08 13.60
C TYR B 419 -0.88 14.60 14.65
N GLN B 420 -1.66 13.70 15.26
CA GLN B 420 -2.63 14.13 16.26
C GLN B 420 -1.93 14.72 17.48
N THR B 421 -0.81 14.12 17.90
CA THR B 421 -0.06 14.69 19.01
C THR B 421 0.47 16.08 18.68
N PHE B 422 1.00 16.25 17.46
CA PHE B 422 1.46 17.56 17.02
C PHE B 422 0.32 18.58 17.07
N TYR B 423 -0.84 18.19 16.53
CA TYR B 423 -1.99 19.08 16.53
C TYR B 423 -2.36 19.53 17.94
N LEU B 424 -2.50 18.58 18.86
CA LEU B 424 -2.94 18.92 20.21
C LEU B 424 -1.89 19.75 20.95
N VAL B 425 -0.61 19.39 20.83
CA VAL B 425 0.42 20.14 21.55
C VAL B 425 0.55 21.54 20.99
N ALA B 426 0.48 21.70 19.66
CA ALA B 426 0.56 23.03 19.07
C ALA B 426 -0.65 23.87 19.42
N THR B 427 -1.83 23.26 19.52
CA THR B 427 -3.00 23.98 20.02
C THR B 427 -2.79 24.43 21.46
N ALA B 428 -2.20 23.56 22.29
CA ALA B 428 -1.90 23.92 23.67
C ALA B 428 -0.83 25.00 23.77
N MET B 429 0.02 25.15 22.76
CA MET B 429 1.09 26.13 22.77
C MET B 429 0.77 27.37 21.94
N GLN B 430 -0.48 27.54 21.53
CA GLN B 430 -0.89 28.68 20.69
C GLN B 430 -0.08 28.75 19.41
N LEU B 431 0.21 27.60 18.83
CA LEU B 431 0.95 27.51 17.59
C LEU B 431 -0.01 27.35 16.42
N ALA B 432 0.51 27.12 15.22
CA ALA B 432 -0.28 26.99 14.00
C ALA B 432 0.06 25.66 13.32
N PRO B 433 -0.59 24.57 13.72
CA PRO B 433 -0.29 23.26 13.14
C PRO B 433 -1.10 22.94 11.91
N SER B 434 -0.54 22.09 11.05
CA SER B 434 -1.26 21.60 9.88
C SER B 434 -0.54 20.38 9.31
N ALA B 435 -1.22 19.23 9.28
CA ALA B 435 -0.62 18.04 8.68
C ALA B 435 -0.48 18.21 7.18
N ILE B 436 0.26 17.29 6.55
CA ILE B 436 0.44 17.28 5.11
C ILE B 436 0.02 15.92 4.58
N GLY B 437 -0.65 15.93 3.42
CA GLY B 437 -1.15 14.68 2.86
C GLY B 437 -0.03 13.78 2.37
N ALA B 438 0.91 14.32 1.60
CA ALA B 438 2.01 13.54 1.06
C ALA B 438 3.17 14.46 0.75
N GLY B 439 4.33 13.84 0.50
CA GLY B 439 5.53 14.58 0.14
C GLY B 439 6.39 13.82 -0.84
N ASN B 440 7.58 14.35 -1.13
CA ASN B 440 8.51 13.72 -2.06
C ASN B 440 9.57 12.99 -1.24
N THR B 441 9.56 11.66 -1.29
CA THR B 441 10.51 10.88 -0.49
C THR B 441 11.88 10.82 -1.15
N THR B 442 11.95 10.81 -2.48
CA THR B 442 13.25 10.76 -3.14
C THR B 442 13.97 12.10 -3.07
N LYS B 443 13.24 13.21 -3.11
CA LYS B 443 13.87 14.51 -2.94
C LYS B 443 14.51 14.64 -1.56
N PHE B 444 13.81 14.16 -0.52
CA PHE B 444 14.39 14.16 0.82
C PHE B 444 15.53 13.16 0.94
N CYS B 445 15.43 12.04 0.23
CA CYS B 445 16.55 11.08 0.20
C CYS B 445 17.79 11.73 -0.41
N GLN B 446 17.62 12.58 -1.41
CA GLN B 446 18.75 13.26 -2.02
C GLN B 446 19.28 14.37 -1.11
N ILE B 447 18.39 15.14 -0.50
CA ILE B 447 18.81 16.29 0.30
C ILE B 447 19.55 15.83 1.56
N ALA B 448 18.99 14.85 2.27
CA ALA B 448 19.55 14.39 3.52
C ALA B 448 20.55 13.26 3.35
N GLY B 449 20.68 12.69 2.15
CA GLY B 449 21.60 11.59 1.92
C GLY B 449 21.22 10.35 2.71
N LEU B 450 20.11 9.73 2.32
CA LEU B 450 19.59 8.56 3.02
C LEU B 450 19.51 7.37 2.08
N ASN B 451 19.54 6.17 2.65
CA ASN B 451 19.29 4.95 1.89
C ASN B 451 17.79 4.78 1.79
N PRO B 452 17.19 5.00 0.62
CA PRO B 452 15.72 4.98 0.52
C PRO B 452 15.11 3.62 0.82
N ASP B 453 15.87 2.54 0.70
CA ASP B 453 15.42 1.21 1.06
C ASP B 453 15.74 0.87 2.51
N GLU B 454 16.18 1.85 3.29
CA GLU B 454 16.58 1.62 4.67
C GLU B 454 16.00 2.71 5.57
N GLU B 455 15.72 3.88 4.98
CA GLU B 455 15.11 5.01 5.68
C GLU B 455 14.59 6.05 4.68
N ALA B 456 13.28 6.30 4.69
CA ALA B 456 12.67 7.22 3.74
C ALA B 456 11.53 7.99 4.42
N SER B 457 11.31 9.22 3.95
CA SER B 457 10.32 10.08 4.58
C SER B 457 8.91 9.54 4.34
N VAL B 458 8.07 9.66 5.36
CA VAL B 458 6.74 9.07 5.30
C VAL B 458 5.67 10.06 5.76
N GLY B 459 6.08 11.22 6.26
CA GLY B 459 5.09 12.20 6.68
C GLY B 459 5.64 13.61 6.72
N GLU B 460 4.73 14.58 6.70
CA GLU B 460 5.10 15.99 6.77
C GLU B 460 4.08 16.77 7.59
N PHE B 461 4.56 17.81 8.27
CA PHE B 461 3.74 18.63 9.14
C PHE B 461 4.28 20.05 9.09
N SER B 462 3.39 21.04 9.09
CA SER B 462 3.78 22.45 9.07
C SER B 462 3.41 23.10 10.39
N LEU B 463 4.36 23.85 10.96
CA LEU B 463 4.23 24.41 12.29
C LEU B 463 4.75 25.84 12.28
N GLY B 464 4.05 26.71 13.01
CA GLY B 464 4.45 28.09 13.12
C GLY B 464 3.74 28.76 14.27
N ALA B 465 3.72 30.09 14.25
CA ALA B 465 3.09 30.89 15.28
C ALA B 465 1.78 31.47 14.75
N ALA B 466 0.75 31.43 15.59
CA ALA B 466 -0.58 31.93 15.24
C ALA B 466 -0.80 33.31 15.84
N LYS B 467 -1.43 34.18 15.06
CA LYS B 467 -1.71 35.53 15.53
C LYS B 467 -2.88 35.51 16.53
N PRO B 468 -2.89 36.43 17.50
CA PRO B 468 -3.95 36.47 18.52
C PRO B 468 -5.32 36.78 17.94
N1 FMN C . -0.70 -3.88 21.33
C2 FMN C . -1.05 -5.20 21.38
O2 FMN C . -0.99 -5.82 22.44
N3 FMN C . -1.49 -5.85 20.23
C4 FMN C . -1.55 -5.17 19.04
O4 FMN C . -1.94 -5.74 18.02
C4A FMN C . -1.19 -3.83 18.98
N5 FMN C . -1.25 -3.14 17.79
C5A FMN C . -0.90 -1.81 17.74
C6 FMN C . -0.96 -1.11 16.54
C7 FMN C . -0.59 0.23 16.49
C7M FMN C . -0.67 0.99 15.19
C8 FMN C . -0.16 0.87 17.64
C8M FMN C . 0.24 2.32 17.59
C9 FMN C . -0.09 0.18 18.84
C9A FMN C . -0.46 -1.17 18.89
N10 FMN C . -0.39 -1.85 20.08
C10 FMN C . -0.75 -3.19 20.13
C1' FMN C . 0.07 -1.16 21.33
C2' FMN C . 1.57 -1.33 21.49
O2' FMN C . 1.88 -2.69 21.70
C3' FMN C . 2.05 -0.49 22.67
O3' FMN C . 2.18 0.85 22.25
C4' FMN C . 3.37 -0.97 23.24
O4' FMN C . 3.44 -2.37 23.22
C5' FMN C . 3.49 -0.47 24.69
O5' FMN C . 3.45 0.94 24.69
P FMN C . 2.67 1.73 25.86
O1P FMN C . 2.30 0.74 26.94
O2P FMN C . 3.58 2.78 26.44
O3P FMN C . 1.44 2.39 25.31
N1 FMN D . -4.50 20.34 5.39
C2 FMN D . -3.99 21.06 4.33
O2 FMN D . -4.26 22.25 4.20
N3 FMN D . -3.17 20.44 3.41
C4 FMN D . -2.86 19.09 3.55
O4 FMN D . -2.12 18.54 2.73
C4A FMN D . -3.38 18.37 4.62
N5 FMN D . -3.08 17.03 4.78
C5A FMN D . -3.60 16.32 5.83
C6 FMN D . -3.29 14.98 6.00
C7 FMN D . -3.82 14.26 7.06
C7M FMN D . -3.49 12.81 7.23
C8 FMN D . -4.64 14.90 7.98
C8M FMN D . -5.22 14.13 9.14
C9 FMN D . -4.95 16.24 7.83
C9A FMN D . -4.42 16.96 6.75
N10 FMN D . -4.72 18.29 6.59
C10 FMN D . -4.20 19.00 5.54
C1' FMN D . -5.62 18.98 7.58
C2' FMN D . -7.06 18.89 7.14
O2' FMN D . -7.24 19.59 5.93
C3' FMN D . -7.96 19.49 8.23
O3' FMN D . -8.19 18.51 9.21
C4' FMN D . -9.29 19.99 7.69
O4' FMN D . -9.13 20.59 6.43
C5' FMN D . -9.85 20.98 8.69
O5' FMN D . -9.96 20.36 9.95
P FMN D . -9.67 21.18 11.30
O1P FMN D . -9.29 22.59 10.92
O2P FMN D . -10.92 21.21 12.13
O3P FMN D . -8.54 20.53 12.08
#